data_7ZJU
#
_entry.id   7ZJU
#
_cell.length_a   66.060
_cell.length_b   84.833
_cell.length_c   71.106
_cell.angle_alpha   90.000
_cell.angle_beta   92.257
_cell.angle_gamma   90.000
#
_symmetry.space_group_name_H-M   'P 1 21 1'
#
loop_
_entity.id
_entity.type
_entity.pdbx_description
1 polymer 'SUMO-specific isopeptidase USPL1'
2 polymer 'Small ubiquitin-related modifier 3'
3 non-polymer 'ZINC ION'
4 non-polymer GLYCEROL
5 non-polymer 2-bromanylethanamine
6 non-polymer 'CHLORIDE ION'
7 non-polymer 'CALCIUM ION'
8 water water
#
loop_
_entity_poly.entity_id
_entity_poly.type
_entity_poly.pdbx_seq_one_letter_code
_entity_poly.pdbx_strand_id
1 'polypeptide(L)'
;GPCTSFPQALCVQWKNAYALCWLDCILSALVHSEELKNTVTGLCSKEESIFWRLLTKYNQANTLLYTSQLSGVKDGDCKK
LTSEIFAEIETCLNEVRDEIFISLQPQLRCTLGDMESPVFAFPLLLKLETHIEKLFLYSFSWDFECSQCGHQYQNRHMKS
LVTFTNVIPEWHPLNAAHFGPCNNCNSKSQIRKMVLEKVSPIFMLHFVEGLPQNDLQHYAFHFEGCLYQITSVIQYRANN
HFITWILDADGSWLECDDLKGPCSERHKKFEVPASEIHIVIWERKIS
;
A,C
2 'polypeptide(L)'
;SEEKPKEGVKTENDHINLKVAGQDGSVVQFKIKRHTPLSKLMKAYCERQGLSMRQIRFRFDGQPINETDTPAQLEMEDED
TIDVFQQQTG
;
B,D
#
# COMPACT_ATOMS: atom_id res chain seq x y z
N LEU A 10 23.22 20.08 -11.53
CA LEU A 10 22.45 19.07 -10.82
C LEU A 10 21.06 19.62 -10.47
N CYS A 11 20.03 18.95 -10.97
CA CYS A 11 18.66 19.45 -10.87
C CYS A 11 18.03 19.09 -9.52
N VAL A 12 16.92 19.75 -9.22
CA VAL A 12 16.21 19.56 -7.97
C VAL A 12 15.06 18.58 -8.21
N GLN A 13 14.54 18.02 -7.12
CA GLN A 13 13.49 17.03 -7.21
C GLN A 13 12.67 17.03 -5.92
N TRP A 14 11.53 16.36 -5.98
CA TRP A 14 10.63 16.28 -4.83
C TRP A 14 11.17 15.30 -3.80
N LYS A 15 10.79 15.53 -2.54
CA LYS A 15 11.12 14.62 -1.45
C LYS A 15 9.94 13.69 -1.18
N ASN A 16 10.24 12.50 -0.71
CA ASN A 16 9.20 11.51 -0.48
C ASN A 16 8.31 11.93 0.69
N ALA A 17 7.01 11.75 0.51
CA ALA A 17 6.02 12.11 1.52
C ALA A 17 4.66 11.57 1.07
N TYR A 18 3.89 11.06 2.04
CA TYR A 18 2.53 10.59 1.79
C TYR A 18 2.48 9.56 0.67
N ALA A 19 3.54 8.78 0.52
CA ALA A 19 3.62 7.70 -0.47
C ALA A 19 3.33 8.22 -1.88
N LEU A 20 3.82 9.43 -2.18
CA LEU A 20 3.54 10.10 -3.44
C LEU A 20 4.59 9.82 -4.52
N CYS A 21 5.39 8.77 -4.35
CA CYS A 21 6.40 8.46 -5.36
C CYS A 21 5.78 8.17 -6.72
N TRP A 22 4.57 7.61 -6.74
CA TRP A 22 3.87 7.37 -7.99
C TRP A 22 3.51 8.67 -8.70
N LEU A 23 3.47 9.79 -7.99
CA LEU A 23 3.25 11.10 -8.59
C LEU A 23 4.53 11.87 -8.81
N ASP A 24 5.48 11.79 -7.88
CA ASP A 24 6.76 12.48 -8.06
C ASP A 24 7.46 12.02 -9.34
N CYS A 25 7.40 10.73 -9.64
CA CYS A 25 8.11 10.21 -10.81
C CYS A 25 7.54 10.80 -12.10
N ILE A 26 6.23 11.01 -12.16
CA ILE A 26 5.62 11.68 -13.31
C ILE A 26 6.07 13.13 -13.37
N LEU A 27 6.07 13.82 -12.24
CA LEU A 27 6.41 15.24 -12.22
C LEU A 27 7.83 15.48 -12.69
N SER A 28 8.77 14.62 -12.27
CA SER A 28 10.15 14.76 -12.73
C SER A 28 10.24 14.54 -14.24
N ALA A 29 9.51 13.57 -14.76
CA ALA A 29 9.54 13.31 -16.20
C ALA A 29 8.99 14.49 -16.98
N LEU A 30 7.93 15.12 -16.46
CA LEU A 30 7.29 16.21 -17.18
C LEU A 30 8.19 17.44 -17.26
N VAL A 31 8.80 17.81 -16.14
CA VAL A 31 9.58 19.06 -16.11
C VAL A 31 10.86 18.97 -16.93
N HIS A 32 11.34 17.76 -17.21
CA HIS A 32 12.55 17.60 -18.02
C HIS A 32 12.25 17.26 -19.47
N SER A 33 10.99 17.36 -19.89
CA SER A 33 10.62 17.15 -21.28
C SER A 33 10.76 18.47 -22.04
N GLU A 34 11.57 18.47 -23.09
CA GLU A 34 11.76 19.68 -23.89
C GLU A 34 10.50 20.06 -24.63
N GLU A 35 9.80 19.07 -25.22
CA GLU A 35 8.60 19.35 -25.97
C GLU A 35 7.52 19.96 -25.07
N LEU A 36 7.38 19.46 -23.85
CA LEU A 36 6.41 20.05 -22.92
C LEU A 36 6.80 21.47 -22.56
N LYS A 37 8.07 21.69 -22.20
CA LYS A 37 8.53 23.02 -21.83
C LYS A 37 8.32 24.01 -22.97
N ASN A 38 8.52 23.57 -24.21
CA ASN A 38 8.29 24.44 -25.36
C ASN A 38 6.81 24.79 -25.51
N THR A 39 5.94 23.81 -25.28
CA THR A 39 4.51 24.05 -25.48
C THR A 39 3.93 24.96 -24.40
N VAL A 40 4.32 24.75 -23.14
CA VAL A 40 3.75 25.55 -22.07
C VAL A 40 4.28 26.97 -22.09
N THR A 41 5.52 27.16 -22.54
CA THR A 41 6.13 28.50 -22.56
C THR A 41 6.08 29.09 -23.96
N GLU A 47 -1.93 32.24 -19.54
CA GLU A 47 -1.46 30.87 -19.43
C GLU A 47 -1.64 30.34 -18.01
N GLU A 48 -2.89 30.20 -17.57
CA GLU A 48 -3.19 29.67 -16.26
C GLU A 48 -3.41 28.15 -16.34
N SER A 49 -2.40 27.48 -16.87
CA SER A 49 -2.37 26.03 -16.97
C SER A 49 -1.72 25.43 -15.73
N ILE A 50 -2.20 24.24 -15.34
CA ILE A 50 -1.57 23.53 -14.24
C ILE A 50 -0.17 23.07 -14.63
N PHE A 51 0.06 22.82 -15.93
CA PHE A 51 1.38 22.45 -16.39
C PHE A 51 2.32 23.66 -16.44
N TRP A 52 1.78 24.83 -16.79
CA TRP A 52 2.56 26.06 -16.68
C TRP A 52 2.94 26.33 -15.24
N ARG A 53 1.99 26.13 -14.31
CA ARG A 53 2.30 26.31 -12.90
C ARG A 53 3.33 25.29 -12.43
N LEU A 54 3.23 24.05 -12.91
CA LEU A 54 4.21 23.03 -12.54
C LEU A 54 5.61 23.43 -12.96
N LEU A 55 5.78 23.78 -14.24
CA LEU A 55 7.11 24.06 -14.74
C LEU A 55 7.64 25.39 -14.20
N THR A 56 6.75 26.36 -13.97
CA THR A 56 7.19 27.63 -13.39
C THR A 56 7.65 27.45 -11.95
N LYS A 57 6.89 26.69 -11.15
CA LYS A 57 7.30 26.46 -9.76
C LYS A 57 8.56 25.62 -9.70
N TYR A 58 8.67 24.62 -10.58
CA TYR A 58 9.88 23.79 -10.59
C TYR A 58 11.10 24.64 -10.91
N ASN A 59 11.05 25.41 -12.00
CA ASN A 59 12.17 26.27 -12.37
C ASN A 59 12.46 27.29 -11.27
N GLN A 60 11.41 27.84 -10.66
CA GLN A 60 11.59 28.75 -9.53
C GLN A 60 12.34 28.06 -8.40
N ALA A 61 12.05 26.78 -8.17
CA ALA A 61 12.76 26.03 -7.14
C ALA A 61 14.14 25.60 -7.62
N ASN A 62 14.27 25.25 -8.90
CA ASN A 62 15.55 24.77 -9.42
C ASN A 62 16.60 25.87 -9.50
N THR A 63 16.19 27.15 -9.54
CA THR A 63 17.16 28.23 -9.64
C THR A 63 17.90 28.46 -8.32
N LEU A 64 17.29 28.12 -7.20
CA LEU A 64 17.95 28.24 -5.89
C LEU A 64 19.12 27.28 -5.80
N PHE A 86 16.89 24.60 1.77
CA PHE A 86 16.30 23.35 1.29
C PHE A 86 14.82 23.28 1.61
N ALA A 87 14.42 23.92 2.72
CA ALA A 87 13.01 23.93 3.11
C ALA A 87 12.19 24.86 2.21
N GLU A 88 12.76 25.99 1.81
CA GLU A 88 12.07 26.87 0.87
C GLU A 88 11.81 26.17 -0.45
N ILE A 89 12.78 25.38 -0.92
CA ILE A 89 12.59 24.61 -2.14
C ILE A 89 11.46 23.58 -1.96
N GLU A 90 11.44 22.92 -0.81
CA GLU A 90 10.43 21.89 -0.57
C GLU A 90 9.03 22.46 -0.55
N THR A 91 8.87 23.66 0.03
CA THR A 91 7.54 24.28 0.09
C THR A 91 7.04 24.66 -1.29
N CYS A 92 7.90 25.23 -2.13
CA CYS A 92 7.50 25.59 -3.48
C CYS A 92 7.15 24.36 -4.29
N LEU A 93 7.89 23.27 -4.12
CA LEU A 93 7.60 22.04 -4.84
C LEU A 93 6.36 21.34 -4.30
N ASN A 94 6.12 21.44 -2.99
CA ASN A 94 4.98 20.73 -2.39
C ASN A 94 3.65 21.39 -2.75
N GLU A 95 3.64 22.71 -2.94
CA GLU A 95 2.39 23.39 -3.29
C GLU A 95 1.85 22.90 -4.62
N VAL A 96 2.69 22.88 -5.66
CA VAL A 96 2.20 22.48 -6.97
C VAL A 96 1.93 20.98 -7.00
N ARG A 97 2.68 20.19 -6.24
CA ARG A 97 2.36 18.76 -6.13
C ARG A 97 1.00 18.56 -5.50
N ASP A 98 0.70 19.32 -4.44
CA ASP A 98 -0.60 19.21 -3.80
C ASP A 98 -1.72 19.61 -4.76
N GLU A 99 -1.52 20.71 -5.48
CA GLU A 99 -2.53 21.14 -6.44
C GLU A 99 -2.77 20.08 -7.52
N ILE A 100 -1.70 19.44 -8.00
CA ILE A 100 -1.85 18.40 -9.00
C ILE A 100 -2.56 17.19 -8.42
N PHE A 101 -2.19 16.78 -7.21
CA PHE A 101 -2.83 15.64 -6.57
C PHE A 101 -4.33 15.86 -6.40
N ILE A 102 -4.73 17.06 -5.95
CA ILE A 102 -6.14 17.35 -5.76
C ILE A 102 -6.89 17.31 -7.08
N SER A 103 -6.23 17.70 -8.18
CA SER A 103 -6.84 17.60 -9.50
C SER A 103 -7.03 16.15 -9.92
N LEU A 104 -6.12 15.26 -9.51
CA LEU A 104 -6.22 13.85 -9.86
C LEU A 104 -7.21 13.11 -8.97
N GLN A 105 -7.42 13.60 -7.74
CA GLN A 105 -8.19 12.86 -6.73
C GLN A 105 -9.57 12.40 -7.20
N PRO A 106 -10.39 13.24 -7.84
CA PRO A 106 -11.73 12.74 -8.24
C PRO A 106 -11.67 11.58 -9.22
N GLN A 107 -10.69 11.60 -10.10
CA GLN A 107 -10.66 10.65 -11.19
C GLN A 107 -10.02 9.36 -10.70
N LEU A 108 -8.95 9.53 -9.94
CA LEU A 108 -8.12 8.48 -9.41
C LEU A 108 -8.68 7.91 -8.10
N ARG A 109 -9.56 8.64 -7.42
CA ARG A 109 -10.31 8.12 -6.27
C ARG A 109 -9.39 7.66 -5.14
N CYS A 110 -8.26 8.34 -4.95
CA CYS A 110 -7.30 8.00 -3.92
C CYS A 110 -7.35 9.01 -2.78
N THR A 111 -6.84 8.58 -1.63
CA THR A 111 -6.66 9.44 -0.47
C THR A 111 -5.16 9.72 -0.31
N LEU A 112 -4.82 10.94 0.11
CA LEU A 112 -3.42 11.28 0.32
C LEU A 112 -2.78 10.28 1.28
N GLY A 113 -1.64 9.73 0.86
CA GLY A 113 -1.01 8.66 1.59
C GLY A 113 -1.27 7.28 1.02
N ASP A 114 -2.20 7.15 0.08
CA ASP A 114 -2.42 5.89 -0.60
C ASP A 114 -1.31 5.61 -1.60
N MET A 115 -1.01 4.34 -1.78
CA MET A 115 -0.16 3.95 -2.88
C MET A 115 -0.98 3.89 -4.16
N GLU A 116 -0.32 4.11 -5.29
CA GLU A 116 -1.00 4.23 -6.57
C GLU A 116 0.02 3.93 -7.66
N SER A 117 -0.41 4.03 -8.91
CA SER A 117 0.44 3.69 -10.03
C SER A 117 0.48 4.84 -11.03
N PRO A 118 1.67 5.18 -11.54
CA PRO A 118 1.73 6.18 -12.62
C PRO A 118 1.06 5.72 -13.90
N VAL A 119 0.87 4.41 -14.09
CA VAL A 119 0.15 3.93 -15.25
C VAL A 119 -1.27 4.47 -15.24
N PHE A 120 -1.90 4.51 -14.07
CA PHE A 120 -3.23 5.09 -13.95
C PHE A 120 -3.17 6.61 -13.90
N ALA A 121 -2.21 7.16 -13.15
CA ALA A 121 -2.19 8.59 -12.89
C ALA A 121 -1.72 9.40 -14.09
N PHE A 122 -0.76 8.87 -14.87
CA PHE A 122 -0.13 9.70 -15.90
C PHE A 122 -1.19 10.17 -16.89
N PRO A 123 -2.02 9.30 -17.49
CA PRO A 123 -2.97 9.77 -18.52
C PRO A 123 -4.09 10.62 -17.95
N LEU A 124 -4.52 10.36 -16.72
CA LEU A 124 -5.53 11.22 -16.11
C LEU A 124 -4.99 12.63 -15.94
N LEU A 125 -3.71 12.76 -15.61
CA LEU A 125 -3.09 14.08 -15.53
C LEU A 125 -3.09 14.77 -16.89
N LEU A 126 -2.77 14.03 -17.95
CA LEU A 126 -2.69 14.63 -19.28
C LEU A 126 -4.06 15.06 -19.78
N LYS A 127 -5.11 14.29 -19.46
CA LYS A 127 -6.45 14.61 -19.92
C LYS A 127 -7.01 15.86 -19.29
N LEU A 128 -6.35 16.42 -18.27
CA LEU A 128 -6.82 17.65 -17.65
C LEU A 128 -6.74 18.83 -18.61
N GLU A 129 -5.87 18.77 -19.63
CA GLU A 129 -5.73 19.84 -20.61
C GLU A 129 -5.49 19.22 -21.97
N THR A 130 -6.46 19.38 -22.88
CA THR A 130 -6.38 18.75 -24.19
C THR A 130 -5.18 19.24 -24.98
N HIS A 131 -4.79 20.51 -24.79
CA HIS A 131 -3.63 21.04 -25.52
C HIS A 131 -2.34 20.37 -25.08
N ILE A 132 -2.28 19.90 -23.83
CA ILE A 132 -1.11 19.15 -23.38
C ILE A 132 -1.24 17.68 -23.76
N GLU A 133 -2.45 17.12 -23.60
CA GLU A 133 -2.66 15.71 -23.93
C GLU A 133 -2.34 15.41 -25.39
N LYS A 134 -2.58 16.37 -26.29
CA LYS A 134 -2.31 16.14 -27.70
C LYS A 134 -0.83 15.85 -27.95
N LEU A 135 0.06 16.35 -27.09
CA LEU A 135 1.48 16.06 -27.23
C LEU A 135 1.80 14.59 -27.03
N PHE A 136 0.89 13.83 -26.42
CA PHE A 136 1.15 12.44 -26.05
C PHE A 136 0.30 11.43 -26.81
N LEU A 137 -0.74 11.87 -27.52
CA LEU A 137 -1.72 10.95 -28.09
C LEU A 137 -1.21 10.41 -29.42
N TYR A 138 -0.89 9.12 -29.45
CA TYR A 138 -0.48 8.46 -30.67
C TYR A 138 -1.54 7.48 -31.14
N SER A 139 -1.55 7.23 -32.45
CA SER A 139 -2.47 6.29 -33.07
C SER A 139 -1.71 5.06 -33.53
N PHE A 140 -2.34 3.91 -33.34
CA PHE A 140 -1.73 2.63 -33.68
C PHE A 140 -2.85 1.64 -33.92
N SER A 141 -2.48 0.41 -34.24
CA SER A 141 -3.46 -0.66 -34.41
C SER A 141 -2.90 -1.94 -33.83
N TRP A 142 -3.74 -2.67 -33.11
CA TRP A 142 -3.40 -4.00 -32.61
C TRP A 142 -3.63 -5.02 -33.72
N ASP A 143 -2.57 -5.66 -34.18
CA ASP A 143 -2.65 -6.65 -35.23
C ASP A 143 -2.47 -8.04 -34.64
N PHE A 144 -3.43 -8.92 -34.91
CA PHE A 144 -3.45 -10.26 -34.32
C PHE A 144 -3.81 -11.27 -35.40
N GLU A 145 -3.21 -12.46 -35.29
CA GLU A 145 -3.50 -13.55 -36.22
C GLU A 145 -3.15 -14.86 -35.54
N CYS A 146 -4.17 -15.63 -35.17
CA CYS A 146 -3.94 -16.90 -34.50
C CYS A 146 -3.42 -17.94 -35.48
N SER A 147 -2.44 -18.71 -35.05
CA SER A 147 -1.92 -19.82 -35.86
C SER A 147 -2.69 -21.11 -35.64
N GLN A 148 -3.40 -21.24 -34.52
CA GLN A 148 -4.15 -22.46 -34.24
C GLN A 148 -5.47 -22.48 -35.02
N CYS A 149 -6.28 -21.43 -34.88
CA CYS A 149 -7.47 -21.24 -35.68
C CYS A 149 -7.24 -20.06 -36.63
N GLY A 150 -8.28 -19.67 -37.35
CA GLY A 150 -8.13 -18.58 -38.30
C GLY A 150 -8.35 -17.20 -37.75
N HIS A 151 -8.60 -17.08 -36.45
CA HIS A 151 -9.03 -15.80 -35.87
C HIS A 151 -8.00 -14.71 -36.09
N GLN A 152 -8.45 -13.59 -36.65
CA GLN A 152 -7.59 -12.44 -36.89
C GLN A 152 -8.41 -11.17 -36.77
N TYR A 153 -7.73 -10.09 -36.37
CA TYR A 153 -8.36 -8.78 -36.29
C TYR A 153 -7.28 -7.73 -36.40
N GLN A 154 -7.69 -6.50 -36.70
CA GLN A 154 -6.79 -5.35 -36.70
C GLN A 154 -7.60 -4.15 -36.24
N ASN A 155 -7.39 -3.72 -35.00
CA ASN A 155 -8.22 -2.72 -34.34
C ASN A 155 -7.40 -1.46 -34.11
N ARG A 156 -7.90 -0.33 -34.63
CA ARG A 156 -7.24 0.94 -34.42
C ARG A 156 -7.61 1.53 -33.07
N HIS A 157 -6.62 2.10 -32.40
CA HIS A 157 -6.83 2.73 -31.10
C HIS A 157 -6.05 4.04 -31.06
N MET A 158 -6.35 4.85 -30.06
CA MET A 158 -5.64 6.11 -29.81
C MET A 158 -5.44 6.23 -28.31
N LYS A 159 -4.18 6.22 -27.87
CA LYS A 159 -3.86 6.21 -26.45
C LYS A 159 -2.70 7.15 -26.18
N SER A 160 -2.54 7.50 -24.90
CA SER A 160 -1.37 8.21 -24.42
C SER A 160 -0.40 7.31 -23.68
N LEU A 161 -0.82 6.11 -23.31
CA LEU A 161 0.05 5.17 -22.59
C LEU A 161 -0.52 3.76 -22.80
N VAL A 162 0.23 2.92 -23.50
CA VAL A 162 -0.17 1.54 -23.76
C VAL A 162 0.72 0.61 -22.94
N THR A 163 0.13 -0.49 -22.48
CA THR A 163 0.82 -1.46 -21.65
C THR A 163 1.24 -2.66 -22.47
N PHE A 164 2.49 -3.11 -22.29
CA PHE A 164 3.00 -4.32 -22.89
C PHE A 164 3.30 -5.35 -21.81
N THR A 165 2.93 -6.59 -22.07
CA THR A 165 3.28 -7.70 -21.18
C THR A 165 3.70 -8.90 -22.03
N ASN A 166 4.69 -9.63 -21.55
CA ASN A 166 5.23 -10.81 -22.22
C ASN A 166 5.67 -10.47 -23.65
N VAL A 167 6.55 -9.47 -23.75
CA VAL A 167 7.03 -9.02 -25.04
C VAL A 167 7.95 -10.07 -25.65
N ILE A 168 8.02 -10.09 -26.97
CA ILE A 168 8.93 -11.00 -27.68
C ILE A 168 10.35 -10.55 -27.40
N PRO A 169 11.33 -11.47 -27.38
CA PRO A 169 12.72 -11.04 -27.11
C PRO A 169 13.22 -9.97 -28.05
N GLU A 170 12.78 -9.99 -29.30
CA GLU A 170 13.19 -9.02 -30.30
C GLU A 170 12.38 -7.72 -30.23
N TRP A 171 11.70 -7.46 -29.11
CA TRP A 171 10.80 -6.32 -29.04
C TRP A 171 11.51 -5.04 -29.41
N HIS A 172 10.88 -4.26 -30.28
CA HIS A 172 11.37 -2.97 -30.76
C HIS A 172 10.15 -2.13 -31.06
N PRO A 173 10.22 -0.81 -30.92
CA PRO A 173 9.06 0.03 -31.30
C PRO A 173 8.60 -0.21 -32.72
N LEU A 174 9.51 -0.51 -33.65
CA LEU A 174 9.13 -0.85 -35.01
C LEU A 174 8.74 -2.32 -35.16
N ASN A 175 8.89 -3.13 -34.11
CA ASN A 175 8.44 -4.52 -34.09
C ASN A 175 7.83 -4.80 -32.71
N ALA A 176 6.77 -4.05 -32.38
CA ALA A 176 6.22 -4.02 -31.02
C ALA A 176 5.23 -5.16 -30.85
N ALA A 177 5.77 -6.34 -30.56
CA ALA A 177 4.98 -7.55 -30.45
C ALA A 177 5.14 -8.19 -29.08
N HIS A 178 4.12 -8.95 -28.69
CA HIS A 178 4.12 -9.65 -27.41
C HIS A 178 3.29 -10.93 -27.55
N PHE A 179 3.54 -11.87 -26.66
CA PHE A 179 2.78 -13.11 -26.64
C PHE A 179 1.44 -12.91 -25.95
N GLY A 180 0.40 -13.53 -26.49
CA GLY A 180 -0.93 -13.44 -25.93
C GLY A 180 -1.81 -14.59 -26.35
N PRO A 181 -2.88 -14.82 -25.59
CA PRO A 181 -3.82 -15.90 -25.94
C PRO A 181 -4.77 -15.48 -27.05
N CYS A 182 -5.40 -16.48 -27.65
CA CYS A 182 -6.41 -16.27 -28.67
C CYS A 182 -7.79 -16.36 -28.04
N ASN A 183 -8.63 -15.35 -28.28
CA ASN A 183 -9.96 -15.30 -27.70
C ASN A 183 -10.91 -16.30 -28.31
N ASN A 184 -10.56 -16.91 -29.44
CA ASN A 184 -11.44 -17.83 -30.16
C ASN A 184 -11.22 -19.29 -29.79
N CYS A 185 -9.97 -19.70 -29.56
CA CYS A 185 -9.66 -21.09 -29.30
C CYS A 185 -8.83 -21.30 -28.03
N ASN A 186 -8.53 -20.23 -27.28
CA ASN A 186 -7.81 -20.30 -26.01
C ASN A 186 -6.39 -20.86 -26.17
N SER A 187 -5.85 -20.84 -27.38
CA SER A 187 -4.44 -21.19 -27.56
C SER A 187 -3.57 -20.08 -27.00
N LYS A 188 -2.51 -20.47 -26.30
CA LYS A 188 -1.59 -19.53 -25.70
C LYS A 188 -0.37 -19.32 -26.59
N SER A 189 0.40 -18.29 -26.27
CA SER A 189 1.65 -17.95 -26.97
C SER A 189 1.42 -17.66 -28.44
N GLN A 190 0.26 -17.11 -28.78
CA GLN A 190 0.12 -16.39 -30.04
C GLN A 190 0.72 -15.00 -29.88
N ILE A 191 0.85 -14.26 -30.98
CA ILE A 191 1.53 -12.98 -30.95
C ILE A 191 0.56 -11.89 -31.38
N ARG A 192 0.47 -10.83 -30.58
CA ARG A 192 -0.26 -9.61 -30.90
C ARG A 192 0.74 -8.48 -31.08
N LYS A 193 0.57 -7.69 -32.13
CA LYS A 193 1.57 -6.70 -32.51
C LYS A 193 0.93 -5.32 -32.61
N MET A 194 1.63 -4.33 -32.05
CA MET A 194 1.24 -2.93 -32.19
C MET A 194 1.85 -2.36 -33.46
N VAL A 195 1.00 -1.89 -34.36
CA VAL A 195 1.43 -1.29 -35.63
C VAL A 195 1.23 0.22 -35.50
N LEU A 196 2.32 0.95 -35.36
CA LEU A 196 2.24 2.40 -35.24
C LEU A 196 1.64 3.02 -36.50
N GLU A 197 0.78 4.00 -36.31
CA GLU A 197 0.13 4.70 -37.42
C GLU A 197 0.40 6.20 -37.42
N LYS A 198 0.42 6.83 -36.25
CA LYS A 198 0.74 8.25 -36.13
C LYS A 198 1.28 8.49 -34.74
N VAL A 199 2.54 8.88 -34.63
CA VAL A 199 3.21 9.01 -33.35
C VAL A 199 3.25 10.48 -32.95
N SER A 200 2.86 10.75 -31.70
CA SER A 200 2.84 12.10 -31.15
C SER A 200 4.27 12.55 -30.85
N PRO A 201 4.47 13.86 -30.59
CA PRO A 201 5.82 14.31 -30.20
C PRO A 201 6.39 13.60 -28.99
N ILE A 202 5.55 13.13 -28.08
CA ILE A 202 5.98 12.32 -26.95
C ILE A 202 5.29 10.97 -27.04
N PHE A 203 6.06 9.90 -26.84
CA PHE A 203 5.60 8.54 -27.04
C PHE A 203 6.02 7.71 -25.84
N MET A 204 5.03 7.22 -25.08
CA MET A 204 5.29 6.51 -23.83
C MET A 204 4.67 5.13 -23.85
N LEU A 205 5.36 4.18 -23.25
CA LEU A 205 4.91 2.79 -23.15
C LEU A 205 5.19 2.28 -21.74
N HIS A 206 4.34 1.36 -21.30
CA HIS A 206 4.49 0.72 -20.00
C HIS A 206 4.75 -0.77 -20.20
N PHE A 207 5.71 -1.30 -19.47
CA PHE A 207 6.10 -2.70 -19.58
C PHE A 207 5.95 -3.37 -18.22
N VAL A 208 5.06 -4.37 -18.15
CA VAL A 208 4.76 -5.02 -16.89
C VAL A 208 6.00 -5.71 -16.32
N GLU A 209 6.81 -6.30 -17.19
CA GLU A 209 8.02 -7.01 -16.78
C GLU A 209 9.29 -6.33 -17.30
N GLY A 210 9.20 -5.06 -17.68
CA GLY A 210 10.35 -4.35 -18.19
C GLY A 210 10.66 -4.68 -19.64
N LEU A 211 11.83 -4.24 -20.06
CA LEU A 211 12.35 -4.47 -21.40
C LEU A 211 13.27 -5.68 -21.40
N PRO A 212 13.48 -6.32 -22.57
CA PRO A 212 14.40 -7.47 -22.62
C PRO A 212 15.82 -7.12 -22.21
N GLN A 213 16.26 -5.88 -22.46
CA GLN A 213 17.60 -5.44 -22.08
C GLN A 213 17.55 -3.93 -21.88
N ASN A 214 18.62 -3.38 -21.29
CA ASN A 214 18.59 -2.02 -20.80
C ASN A 214 19.54 -1.08 -21.54
N ASP A 215 20.07 -1.49 -22.69
CA ASP A 215 20.84 -0.55 -23.53
C ASP A 215 19.83 0.21 -24.36
N LEU A 216 19.53 1.44 -23.93
CA LEU A 216 18.39 2.18 -24.47
C LEU A 216 18.63 2.67 -25.89
N GLN A 217 19.88 2.68 -26.36
CA GLN A 217 20.15 3.18 -27.71
C GLN A 217 19.54 2.29 -28.78
N HIS A 218 19.35 1.01 -28.50
CA HIS A 218 18.79 0.10 -29.49
C HIS A 218 17.29 0.25 -29.66
N TYR A 219 16.64 1.05 -28.81
CA TYR A 219 15.21 1.29 -28.92
C TYR A 219 14.89 2.64 -29.54
N ALA A 220 15.90 3.38 -29.97
CA ALA A 220 15.66 4.55 -30.81
C ALA A 220 15.10 4.09 -32.15
N PHE A 221 14.28 4.94 -32.75
CA PHE A 221 13.66 4.59 -34.03
C PHE A 221 13.21 5.85 -34.74
N HIS A 222 13.20 5.77 -36.07
CA HIS A 222 12.53 6.75 -36.91
C HIS A 222 11.14 6.23 -37.24
N PHE A 223 10.18 7.14 -37.32
CA PHE A 223 8.84 6.81 -37.80
C PHE A 223 8.35 7.95 -38.67
N GLU A 224 8.17 7.66 -39.96
CA GLU A 224 7.71 8.65 -40.93
C GLU A 224 8.59 9.90 -40.90
N GLY A 225 9.91 9.69 -40.82
CA GLY A 225 10.88 10.74 -40.99
C GLY A 225 11.40 11.38 -39.73
N CYS A 226 10.79 11.11 -38.57
CA CYS A 226 11.17 11.77 -37.33
C CYS A 226 11.86 10.78 -36.39
N LEU A 227 12.95 11.24 -35.78
CA LEU A 227 13.69 10.41 -34.84
C LEU A 227 13.06 10.45 -33.47
N TYR A 228 12.98 9.28 -32.83
CA TYR A 228 12.47 9.15 -31.47
C TYR A 228 13.53 8.48 -30.62
N GLN A 229 13.93 9.14 -29.53
CA GLN A 229 14.93 8.63 -28.61
C GLN A 229 14.34 8.58 -27.21
N ILE A 230 14.84 7.64 -26.41
CA ILE A 230 14.41 7.54 -25.02
C ILE A 230 15.06 8.67 -24.23
N THR A 231 14.22 9.57 -23.70
CA THR A 231 14.70 10.70 -22.92
C THR A 231 14.51 10.54 -21.43
N SER A 232 13.64 9.63 -21.01
CA SER A 232 13.39 9.43 -19.58
C SER A 232 12.73 8.07 -19.40
N VAL A 233 12.92 7.51 -18.20
CA VAL A 233 12.40 6.19 -17.85
C VAL A 233 11.94 6.25 -16.40
N ILE A 234 10.78 5.65 -16.13
CA ILE A 234 10.29 5.46 -14.77
C ILE A 234 10.62 4.04 -14.35
N GLN A 235 11.42 3.91 -13.30
CA GLN A 235 11.84 2.62 -12.79
C GLN A 235 10.90 2.16 -11.69
N TYR A 236 10.58 0.87 -11.68
CA TYR A 236 9.73 0.24 -10.67
C TYR A 236 10.64 -0.62 -9.81
N ARG A 237 10.99 -0.11 -8.63
CA ARG A 237 11.96 -0.77 -7.76
C ARG A 237 11.25 -1.51 -6.63
N ALA A 238 11.66 -2.76 -6.40
CA ALA A 238 11.17 -3.59 -5.30
C ALA A 238 9.65 -3.79 -5.33
N ASN A 239 9.03 -3.57 -6.50
CA ASN A 239 7.59 -3.72 -6.68
C ASN A 239 6.80 -2.84 -5.71
N ASN A 240 7.36 -1.71 -5.29
CA ASN A 240 6.63 -0.81 -4.39
C ASN A 240 7.16 0.62 -4.40
N HIS A 241 7.98 0.98 -5.38
CA HIS A 241 8.59 2.30 -5.37
C HIS A 241 9.00 2.70 -6.78
N PHE A 242 8.74 3.96 -7.14
CA PHE A 242 9.02 4.47 -8.47
C PHE A 242 10.10 5.55 -8.42
N ILE A 243 11.01 5.51 -9.39
CA ILE A 243 12.10 6.47 -9.52
C ILE A 243 12.24 6.83 -10.99
N THR A 244 12.49 8.12 -11.26
CA THR A 244 12.58 8.63 -12.62
C THR A 244 14.04 8.87 -13.01
N TRP A 245 14.39 8.47 -14.22
CA TRP A 245 15.71 8.67 -14.80
C TRP A 245 15.59 9.62 -15.98
N ILE A 246 16.48 10.62 -16.04
CA ILE A 246 16.41 11.68 -17.02
C ILE A 246 17.71 11.70 -17.82
N LEU A 247 17.59 11.68 -19.14
CA LEU A 247 18.76 11.80 -20.02
C LEU A 247 19.15 13.27 -20.13
N ASP A 248 20.36 13.60 -19.70
CA ASP A 248 20.86 14.96 -19.81
C ASP A 248 21.60 15.14 -21.14
N ALA A 249 21.92 16.40 -21.43
CA ALA A 249 22.45 16.75 -22.76
C ALA A 249 23.79 16.05 -23.02
N ASP A 250 24.66 16.00 -22.02
CA ASP A 250 25.98 15.41 -22.21
C ASP A 250 25.96 13.89 -22.34
N GLY A 251 24.80 13.23 -22.44
CA GLY A 251 24.73 11.79 -22.48
C GLY A 251 24.67 11.13 -21.12
N SER A 252 25.00 11.85 -20.06
CA SER A 252 24.86 11.32 -18.71
C SER A 252 23.38 11.24 -18.32
N TRP A 253 23.13 10.67 -17.16
CA TRP A 253 21.77 10.45 -16.68
C TRP A 253 21.59 11.07 -15.30
N LEU A 254 20.35 11.41 -14.99
CA LEU A 254 19.98 11.97 -13.69
C LEU A 254 18.95 11.05 -13.04
N GLU A 255 19.26 10.57 -11.84
CA GLU A 255 18.34 9.73 -11.08
C GLU A 255 17.57 10.61 -10.11
N CYS A 256 16.24 10.58 -10.22
CA CYS A 256 15.36 11.38 -9.37
C CYS A 256 14.62 10.42 -8.43
N ASP A 257 15.33 9.97 -7.40
CA ASP A 257 14.76 9.13 -6.35
C ASP A 257 14.30 10.05 -5.22
N ASP A 258 12.98 10.16 -5.04
CA ASP A 258 12.45 11.12 -4.07
C ASP A 258 12.89 10.82 -2.65
N LEU A 259 13.36 9.60 -2.37
CA LEU A 259 13.94 9.30 -1.07
C LEU A 259 15.27 10.03 -0.88
N LYS A 260 15.97 10.34 -1.96
CA LYS A 260 17.30 10.95 -1.91
C LYS A 260 17.25 12.46 -1.72
N GLY A 261 16.16 13.01 -1.21
CA GLY A 261 16.09 14.41 -0.84
C GLY A 261 15.81 15.35 -2.00
N PRO A 262 16.10 16.64 -1.80
CA PRO A 262 15.78 17.63 -2.84
C PRO A 262 16.69 17.54 -4.07
N CYS A 263 17.97 17.19 -3.90
CA CYS A 263 18.85 17.10 -5.05
C CYS A 263 18.73 15.73 -5.73
N SER A 264 19.30 15.64 -6.92
CA SER A 264 19.33 14.42 -7.71
C SER A 264 20.75 13.85 -7.74
N GLU A 265 20.90 12.75 -8.48
CA GLU A 265 22.18 12.05 -8.57
C GLU A 265 22.55 11.86 -10.03
N ARG A 266 23.80 12.19 -10.37
CA ARG A 266 24.29 12.04 -11.74
C ARG A 266 25.00 10.71 -11.90
N HIS A 267 24.63 9.96 -12.93
CA HIS A 267 25.27 8.69 -13.27
C HIS A 267 25.88 8.79 -14.65
N LYS A 268 27.05 8.18 -14.83
CA LYS A 268 27.73 8.22 -16.12
C LYS A 268 26.90 7.58 -17.21
N LYS A 269 26.17 6.51 -16.88
CA LYS A 269 25.32 5.85 -17.87
C LYS A 269 24.13 5.22 -17.18
N PHE A 270 23.20 4.72 -18.00
CA PHE A 270 21.96 4.13 -17.51
C PHE A 270 22.25 2.87 -16.70
N GLU A 271 21.42 2.62 -15.68
CA GLU A 271 21.77 1.59 -14.70
C GLU A 271 20.62 0.70 -14.25
N VAL A 272 19.35 1.03 -14.49
CA VAL A 272 18.28 0.22 -13.88
C VAL A 272 18.26 -1.15 -14.52
N PRO A 273 18.00 -2.22 -13.76
CA PRO A 273 17.85 -3.54 -14.38
C PRO A 273 16.70 -3.54 -15.36
N ALA A 274 16.86 -4.32 -16.44
CA ALA A 274 15.89 -4.30 -17.52
C ALA A 274 14.49 -4.65 -17.03
N SER A 275 14.39 -5.57 -16.06
CA SER A 275 13.09 -5.99 -15.56
C SER A 275 12.42 -4.94 -14.68
N GLU A 276 13.11 -3.84 -14.37
CA GLU A 276 12.54 -2.76 -13.56
C GLU A 276 12.22 -1.54 -14.40
N ILE A 277 12.35 -1.62 -15.73
CA ILE A 277 12.02 -0.51 -16.63
C ILE A 277 10.50 -0.50 -16.76
N HIS A 278 9.84 0.44 -16.09
CA HIS A 278 8.38 0.41 -15.96
C HIS A 278 7.68 1.23 -17.04
N ILE A 279 8.04 2.51 -17.16
CA ILE A 279 7.50 3.39 -18.18
C ILE A 279 8.66 3.97 -18.97
N VAL A 280 8.58 3.90 -20.29
CA VAL A 280 9.61 4.43 -21.18
C VAL A 280 9.02 5.60 -21.95
N ILE A 281 9.76 6.71 -21.99
CA ILE A 281 9.32 7.93 -22.64
C ILE A 281 10.22 8.20 -23.83
N TRP A 282 9.68 8.05 -25.04
CA TRP A 282 10.34 8.52 -26.24
C TRP A 282 9.91 9.94 -26.53
N GLU A 283 10.84 10.75 -27.01
CA GLU A 283 10.53 12.10 -27.44
C GLU A 283 11.12 12.33 -28.82
N ARG A 284 10.34 12.99 -29.68
CA ARG A 284 10.79 13.31 -31.02
C ARG A 284 11.96 14.29 -30.95
N LYS A 285 12.99 14.03 -31.76
CA LYS A 285 14.16 14.90 -31.82
C LYS A 285 13.97 15.94 -32.90
N ILE A 286 14.24 17.20 -32.56
CA ILE A 286 14.11 18.29 -33.52
C ILE A 286 15.48 18.80 -33.92
N HIS B 15 -29.70 -4.99 -18.57
CA HIS B 15 -28.84 -6.17 -18.79
C HIS B 15 -27.79 -5.87 -19.86
N ILE B 16 -26.87 -4.95 -19.60
CA ILE B 16 -25.85 -4.51 -20.60
C ILE B 16 -24.75 -5.54 -20.80
N ASN B 17 -24.11 -5.51 -21.97
CA ASN B 17 -22.96 -6.41 -22.25
C ASN B 17 -21.67 -5.63 -22.07
N LEU B 18 -20.73 -6.17 -21.30
CA LEU B 18 -19.44 -5.53 -21.05
C LEU B 18 -18.31 -6.45 -21.47
N LYS B 19 -17.22 -5.85 -21.93
CA LYS B 19 -16.01 -6.56 -22.29
C LYS B 19 -14.91 -6.24 -21.28
N VAL B 20 -14.27 -7.27 -20.76
CA VAL B 20 -13.18 -7.14 -19.81
C VAL B 20 -11.90 -7.49 -20.55
N ALA B 21 -11.08 -6.49 -20.84
CA ALA B 21 -9.92 -6.64 -21.71
C ALA B 21 -8.65 -6.58 -20.88
N GLY B 22 -7.88 -7.68 -20.89
CA GLY B 22 -6.58 -7.68 -20.25
C GLY B 22 -5.50 -7.13 -21.16
N GLN B 23 -4.37 -6.79 -20.54
CA GLN B 23 -3.27 -6.19 -21.30
C GLN B 23 -2.54 -7.21 -22.17
N ASP B 24 -2.84 -8.50 -22.04
CA ASP B 24 -2.31 -9.52 -22.94
C ASP B 24 -3.14 -9.68 -24.20
N GLY B 25 -4.21 -8.90 -24.35
CA GLY B 25 -5.09 -9.00 -25.49
C GLY B 25 -6.33 -9.84 -25.26
N SER B 26 -6.43 -10.52 -24.12
CA SER B 26 -7.60 -11.32 -23.82
C SER B 26 -8.82 -10.43 -23.64
N VAL B 27 -9.97 -10.95 -24.05
CA VAL B 27 -11.25 -10.25 -23.91
C VAL B 27 -12.29 -11.25 -23.45
N VAL B 28 -12.97 -10.95 -22.34
CA VAL B 28 -14.01 -11.80 -21.80
C VAL B 28 -15.31 -11.01 -21.80
N GLN B 29 -16.34 -11.55 -22.44
CA GLN B 29 -17.64 -10.89 -22.49
C GLN B 29 -18.44 -11.21 -21.23
N PHE B 30 -19.15 -10.21 -20.72
CA PHE B 30 -20.01 -10.37 -19.56
C PHE B 30 -21.34 -9.68 -19.83
N LYS B 31 -22.42 -10.32 -19.41
CA LYS B 31 -23.73 -9.69 -19.37
C LYS B 31 -24.06 -9.38 -17.91
N ILE B 32 -24.51 -8.15 -17.67
CA ILE B 32 -24.71 -7.68 -16.29
C ILE B 32 -25.83 -6.65 -16.28
N LYS B 33 -26.58 -6.65 -15.19
CA LYS B 33 -27.61 -5.63 -14.98
C LYS B 33 -26.96 -4.32 -14.56
N ARG B 34 -27.64 -3.22 -14.87
CA ARG B 34 -27.07 -1.89 -14.67
C ARG B 34 -26.87 -1.56 -13.19
N HIS B 35 -27.61 -2.19 -12.29
CA HIS B 35 -27.57 -1.83 -10.88
C HIS B 35 -27.03 -2.94 -9.99
N THR B 36 -26.45 -3.99 -10.58
CA THR B 36 -25.78 -4.92 -9.68
C THR B 36 -24.31 -4.55 -9.53
N PRO B 37 -23.76 -4.63 -8.32
CA PRO B 37 -22.35 -4.27 -8.13
C PRO B 37 -21.42 -5.15 -8.95
N LEU B 38 -20.32 -4.55 -9.41
CA LEU B 38 -19.38 -5.24 -10.27
C LEU B 38 -18.55 -6.28 -9.56
N SER B 39 -18.78 -6.50 -8.25
CA SER B 39 -18.02 -7.51 -7.51
C SER B 39 -18.22 -8.89 -8.10
N LYS B 40 -19.45 -9.23 -8.49
CA LYS B 40 -19.70 -10.53 -9.09
C LYS B 40 -18.99 -10.67 -10.43
N LEU B 41 -18.91 -9.59 -11.20
CA LEU B 41 -18.17 -9.61 -12.45
C LEU B 41 -16.68 -9.81 -12.20
N MET B 42 -16.11 -9.05 -11.26
CA MET B 42 -14.68 -9.13 -10.97
C MET B 42 -14.30 -10.52 -10.47
N LYS B 43 -15.05 -11.05 -9.51
CA LYS B 43 -14.73 -12.35 -8.94
C LYS B 43 -14.84 -13.45 -10.00
N ALA B 44 -15.83 -13.35 -10.89
CA ALA B 44 -15.98 -14.34 -11.94
C ALA B 44 -14.85 -14.26 -12.96
N TYR B 45 -14.42 -13.04 -13.28
CA TYR B 45 -13.28 -12.89 -14.19
C TYR B 45 -12.03 -13.50 -13.59
N CYS B 46 -11.79 -13.28 -12.29
CA CYS B 46 -10.65 -13.89 -11.64
C CYS B 46 -10.73 -15.42 -11.66
N GLU B 47 -11.92 -15.96 -11.46
CA GLU B 47 -12.09 -17.41 -11.47
C GLU B 47 -11.85 -17.98 -12.87
N ARG B 48 -12.29 -17.27 -13.90
CA ARG B 48 -12.11 -17.75 -15.26
C ARG B 48 -10.64 -17.73 -15.67
N GLN B 49 -9.98 -16.60 -15.44
CA GLN B 49 -8.59 -16.43 -15.86
C GLN B 49 -7.58 -17.01 -14.87
N GLY B 50 -8.05 -17.51 -13.73
CA GLY B 50 -7.12 -18.00 -12.72
C GLY B 50 -6.31 -16.90 -12.05
N LEU B 51 -6.90 -15.72 -11.88
CA LEU B 51 -6.22 -14.60 -11.26
C LEU B 51 -6.73 -14.37 -9.85
N SER B 52 -5.95 -13.63 -9.07
CA SER B 52 -6.29 -13.31 -7.69
C SER B 52 -6.83 -11.89 -7.60
N MET B 53 -7.92 -11.71 -6.84
CA MET B 53 -8.50 -10.38 -6.69
C MET B 53 -7.51 -9.39 -6.10
N ARG B 54 -6.60 -9.86 -5.25
CA ARG B 54 -5.60 -8.99 -4.64
C ARG B 54 -4.48 -8.63 -5.60
N GLN B 55 -4.38 -9.27 -6.76
CA GLN B 55 -3.25 -9.10 -7.66
C GLN B 55 -3.59 -8.33 -8.93
N ILE B 56 -4.85 -7.94 -9.14
CA ILE B 56 -5.23 -7.22 -10.34
C ILE B 56 -6.09 -6.01 -9.99
N ARG B 57 -6.17 -5.08 -10.93
CA ARG B 57 -6.98 -3.88 -10.82
C ARG B 57 -7.89 -3.77 -12.03
N PHE B 58 -9.06 -3.20 -11.82
CA PHE B 58 -10.02 -2.95 -12.90
C PHE B 58 -10.16 -1.46 -13.12
N ARG B 59 -10.25 -1.05 -14.39
CA ARG B 59 -10.32 0.36 -14.75
C ARG B 59 -11.39 0.56 -15.81
N PHE B 60 -12.16 1.64 -15.66
CA PHE B 60 -13.13 2.05 -16.67
C PHE B 60 -12.99 3.54 -16.90
N ASP B 61 -12.82 3.92 -18.17
CA ASP B 61 -12.71 5.32 -18.57
C ASP B 61 -11.62 6.04 -17.78
N GLY B 62 -10.52 5.33 -17.52
CA GLY B 62 -9.36 5.88 -16.85
C GLY B 62 -9.39 5.80 -15.34
N GLN B 63 -10.54 5.49 -14.73
CA GLN B 63 -10.65 5.51 -13.28
C GLN B 63 -10.70 4.09 -12.71
N PRO B 64 -10.01 3.83 -11.61
CA PRO B 64 -10.17 2.53 -10.94
C PRO B 64 -11.59 2.37 -10.44
N ILE B 65 -12.07 1.13 -10.44
CA ILE B 65 -13.45 0.82 -10.07
C ILE B 65 -13.45 -0.17 -8.92
N ASN B 66 -14.26 0.10 -7.90
CA ASN B 66 -14.38 -0.76 -6.73
C ASN B 66 -15.42 -1.84 -6.96
N GLU B 67 -15.40 -2.83 -6.06
CA GLU B 67 -16.40 -3.90 -6.11
C GLU B 67 -17.80 -3.41 -5.77
N THR B 68 -17.91 -2.29 -5.05
CA THR B 68 -19.21 -1.71 -4.75
C THR B 68 -19.78 -0.90 -5.91
N ASP B 69 -18.96 -0.56 -6.90
CA ASP B 69 -19.44 0.21 -8.03
C ASP B 69 -20.41 -0.62 -8.88
N THR B 70 -21.38 0.07 -9.46
CA THR B 70 -22.31 -0.49 -10.42
C THR B 70 -22.10 0.14 -11.78
N PRO B 71 -22.52 -0.54 -12.86
CA PRO B 71 -22.41 0.10 -14.19
C PRO B 71 -23.18 1.42 -14.28
N ALA B 72 -24.36 1.49 -13.66
CA ALA B 72 -25.14 2.73 -13.72
C ALA B 72 -24.42 3.88 -13.02
N GLN B 73 -23.76 3.59 -11.90
CA GLN B 73 -23.03 4.63 -11.18
C GLN B 73 -21.87 5.18 -12.01
N LEU B 74 -21.21 4.32 -12.78
CA LEU B 74 -20.10 4.72 -13.63
C LEU B 74 -20.54 5.12 -15.03
N GLU B 75 -21.85 5.14 -15.29
CA GLU B 75 -22.39 5.52 -16.59
C GLU B 75 -21.84 4.66 -17.71
N MET B 76 -21.83 3.35 -17.49
CA MET B 76 -21.42 2.40 -18.50
C MET B 76 -22.55 2.17 -19.49
N GLU B 77 -22.18 1.93 -20.74
CA GLU B 77 -23.13 1.61 -21.80
C GLU B 77 -22.86 0.20 -22.32
N ASP B 78 -23.81 -0.32 -23.09
CA ASP B 78 -23.64 -1.64 -23.68
C ASP B 78 -22.41 -1.65 -24.59
N GLU B 79 -21.68 -2.76 -24.56
CA GLU B 79 -20.46 -2.97 -25.33
C GLU B 79 -19.30 -2.09 -24.87
N ASP B 80 -19.39 -1.50 -23.68
CA ASP B 80 -18.26 -0.77 -23.13
C ASP B 80 -17.16 -1.75 -22.70
N THR B 81 -16.00 -1.19 -22.36
CA THR B 81 -14.81 -2.00 -22.10
C THR B 81 -14.23 -1.65 -20.74
N ILE B 82 -13.91 -2.68 -19.95
CA ILE B 82 -13.20 -2.54 -18.69
C ILE B 82 -11.77 -3.01 -18.90
N ASP B 83 -10.81 -2.18 -18.47
CA ASP B 83 -9.39 -2.53 -18.56
C ASP B 83 -8.96 -3.25 -17.29
N VAL B 84 -8.34 -4.42 -17.45
CA VAL B 84 -7.72 -5.17 -16.36
C VAL B 84 -6.21 -4.97 -16.40
N PHE B 85 -5.64 -4.65 -15.25
CA PHE B 85 -4.21 -4.47 -15.08
C PHE B 85 -3.71 -5.36 -13.96
N GLN B 86 -2.53 -5.94 -14.15
CA GLN B 86 -1.80 -6.50 -13.01
C GLN B 86 -1.49 -5.37 -12.03
N GLN B 87 -1.80 -5.59 -10.76
CA GLN B 87 -1.64 -4.53 -9.77
C GLN B 87 -0.16 -4.21 -9.59
N GLN B 88 0.20 -2.95 -9.89
CA GLN B 88 1.57 -2.48 -9.80
C GLN B 88 1.57 -1.07 -9.21
N THR B 89 1.33 -0.99 -7.90
CA THR B 89 1.30 0.28 -7.19
C THR B 89 2.60 0.46 -6.41
N GLY B 90 2.74 1.63 -5.81
CA GLY B 90 3.93 1.95 -5.04
C GLY B 90 3.82 3.27 -4.30
N LEU C 10 10.69 18.23 23.60
CA LEU C 10 11.76 18.19 22.61
C LEU C 10 12.41 16.81 22.55
N CYS C 11 11.70 15.86 21.94
CA CYS C 11 12.17 14.49 21.82
C CYS C 11 12.34 14.15 20.33
N VAL C 12 13.38 13.37 20.03
CA VAL C 12 13.67 13.04 18.64
C VAL C 12 12.82 11.85 18.21
N GLN C 13 12.68 11.69 16.90
CA GLN C 13 11.86 10.61 16.36
C GLN C 13 12.43 10.18 15.02
N TRP C 14 11.87 9.09 14.50
CA TRP C 14 12.30 8.55 13.22
C TRP C 14 11.67 9.33 12.07
N LYS C 15 12.35 9.31 10.92
CA LYS C 15 11.86 9.97 9.72
C LYS C 15 11.20 8.95 8.81
N ASN C 16 10.28 9.44 7.97
CA ASN C 16 9.56 8.56 7.06
C ASN C 16 10.50 8.06 5.96
N ALA C 17 10.52 6.75 5.77
CA ALA C 17 11.30 6.14 4.70
C ALA C 17 10.80 4.72 4.48
N TYR C 18 10.72 4.31 3.21
CA TYR C 18 10.37 2.95 2.83
C TYR C 18 9.03 2.51 3.43
N ALA C 19 8.11 3.46 3.60
CA ALA C 19 6.78 3.20 4.15
C ALA C 19 6.84 2.48 5.50
N LEU C 20 7.84 2.82 6.31
CA LEU C 20 8.07 2.16 7.60
C LEU C 20 7.30 2.82 8.74
N CYS C 21 6.19 3.49 8.46
CA CYS C 21 5.41 4.10 9.54
C CYS C 21 4.78 3.04 10.43
N TRP C 22 4.50 1.85 9.90
CA TRP C 22 3.97 0.77 10.71
C TRP C 22 4.99 0.28 11.73
N LEU C 23 6.26 0.58 11.53
CA LEU C 23 7.33 0.24 12.46
C LEU C 23 7.72 1.43 13.35
N ASP C 24 7.84 2.63 12.76
CA ASP C 24 8.19 3.82 13.54
C ASP C 24 7.22 4.03 14.69
N CYS C 25 5.94 3.80 14.47
CA CYS C 25 4.96 4.02 15.52
C CYS C 25 5.15 3.07 16.68
N ILE C 26 5.65 1.86 16.41
CA ILE C 26 5.94 0.92 17.48
C ILE C 26 7.19 1.35 18.24
N LEU C 27 8.23 1.77 17.52
CA LEU C 27 9.48 2.16 18.17
C LEU C 27 9.28 3.38 19.06
N SER C 28 8.44 4.33 18.62
CA SER C 28 8.18 5.51 19.44
C SER C 28 7.44 5.14 20.72
N ALA C 29 6.49 4.22 20.63
CA ALA C 29 5.79 3.75 21.82
C ALA C 29 6.74 3.05 22.78
N LEU C 30 7.72 2.32 22.25
CA LEU C 30 8.58 1.50 23.10
C LEU C 30 9.58 2.36 23.87
N VAL C 31 10.22 3.32 23.20
CA VAL C 31 11.24 4.13 23.85
C VAL C 31 10.68 5.15 24.83
N HIS C 32 9.35 5.32 24.88
CA HIS C 32 8.72 6.22 25.82
C HIS C 32 7.95 5.49 26.90
N SER C 33 8.07 4.17 26.99
CA SER C 33 7.45 3.39 28.05
C SER C 33 8.42 3.31 29.23
N GLU C 34 7.97 3.77 30.40
CA GLU C 34 8.81 3.69 31.58
C GLU C 34 9.00 2.26 32.04
N GLU C 35 7.95 1.44 31.93
CA GLU C 35 8.05 0.05 32.36
C GLU C 35 9.11 -0.71 31.57
N LEU C 36 9.17 -0.47 30.26
CA LEU C 36 10.21 -1.13 29.46
C LEU C 36 11.59 -0.59 29.79
N LYS C 37 11.71 0.72 30.02
CA LYS C 37 13.01 1.31 30.31
C LYS C 37 13.60 0.75 31.60
N ASN C 38 12.76 0.53 32.62
CA ASN C 38 13.25 -0.01 33.87
C ASN C 38 13.64 -1.48 33.73
N THR C 39 12.92 -2.24 32.91
CA THR C 39 13.28 -3.63 32.67
C THR C 39 14.58 -3.72 31.89
N VAL C 40 14.70 -2.94 30.81
CA VAL C 40 15.88 -2.97 29.96
C VAL C 40 17.13 -2.62 30.75
N THR C 41 17.02 -1.71 31.72
CA THR C 41 18.15 -1.37 32.57
C THR C 41 18.29 -2.38 33.71
N GLU C 47 22.93 -5.76 27.91
CA GLU C 47 23.39 -5.63 26.53
C GLU C 47 22.93 -6.81 25.68
N GLU C 48 23.33 -6.81 24.41
CA GLU C 48 23.07 -7.88 23.46
C GLU C 48 21.59 -8.03 23.13
N SER C 49 20.73 -7.31 23.83
CA SER C 49 19.29 -7.36 23.59
C SER C 49 18.90 -6.33 22.53
N ILE C 50 17.96 -6.72 21.67
CA ILE C 50 17.51 -5.81 20.61
C ILE C 50 16.78 -4.62 21.23
N PHE C 51 16.17 -4.82 22.39
CA PHE C 51 15.45 -3.74 23.08
C PHE C 51 16.41 -2.81 23.81
N TRP C 52 17.50 -3.35 24.36
CA TRP C 52 18.50 -2.50 24.98
C TRP C 52 19.18 -1.61 23.95
N ARG C 53 19.46 -2.16 22.76
CA ARG C 53 20.08 -1.35 21.71
C ARG C 53 19.12 -0.29 21.17
N LEU C 54 17.84 -0.63 21.06
CA LEU C 54 16.83 0.35 20.67
C LEU C 54 16.82 1.52 21.64
N LEU C 55 16.70 1.22 22.94
CA LEU C 55 16.62 2.28 23.92
C LEU C 55 17.95 3.04 24.06
N THR C 56 19.07 2.33 23.96
CA THR C 56 20.37 3.02 24.17
C THR C 56 20.61 3.97 22.99
N LYS C 57 20.39 3.49 21.76
CA LYS C 57 20.59 4.32 20.55
C LYS C 57 19.62 5.50 20.52
N TYR C 58 18.36 5.28 20.93
CA TYR C 58 17.39 6.41 20.99
C TYR C 58 17.91 7.49 21.94
N ASN C 59 18.27 7.10 23.16
CA ASN C 59 18.77 8.06 24.13
C ASN C 59 19.99 8.79 23.57
N GLN C 60 20.87 8.07 22.88
CA GLN C 60 22.05 8.68 22.28
C GLN C 60 21.66 9.80 21.32
N ALA C 61 20.74 9.51 20.39
CA ALA C 61 20.26 10.55 19.49
C ALA C 61 19.51 11.64 20.25
N ASN C 62 18.98 11.32 21.42
CA ASN C 62 18.25 12.32 22.21
C ASN C 62 19.19 13.27 22.94
N THR C 63 20.26 12.73 23.55
CA THR C 63 21.25 13.62 24.17
C THR C 63 21.88 14.54 23.13
N LEU C 64 22.24 14.00 21.97
CA LEU C 64 22.90 14.78 20.94
C LEU C 64 22.04 15.94 20.48
N LEU C 65 20.72 15.80 20.56
CA LEU C 65 19.82 16.90 20.21
C LEU C 65 19.75 17.94 21.32
N TYR C 66 19.75 17.51 22.57
CA TYR C 66 19.61 18.44 23.69
C TYR C 66 20.85 19.32 23.83
N THR C 67 22.02 18.83 23.43
CA THR C 67 23.23 19.64 23.53
C THR C 67 23.20 20.80 22.54
N SER C 68 22.54 20.63 21.40
CA SER C 68 22.45 21.68 20.40
C SER C 68 21.58 22.83 20.89
N GLU C 84 26.65 17.42 10.26
CA GLU C 84 25.34 17.86 10.71
C GLU C 84 24.86 17.05 11.90
N ILE C 85 24.25 17.74 12.88
CA ILE C 85 23.75 17.06 14.06
C ILE C 85 22.56 16.17 13.70
N PHE C 86 21.66 16.66 12.85
CA PHE C 86 20.53 15.86 12.43
C PHE C 86 20.96 14.66 11.59
N ALA C 87 22.09 14.77 10.89
CA ALA C 87 22.59 13.65 10.11
C ALA C 87 23.04 12.50 11.01
N GLU C 88 23.82 12.80 12.04
CA GLU C 88 24.25 11.77 12.97
C GLU C 88 23.09 11.21 13.77
N ILE C 89 22.03 12.00 13.96
CA ILE C 89 20.84 11.50 14.63
C ILE C 89 20.10 10.50 13.76
N GLU C 90 19.93 10.84 12.48
CA GLU C 90 19.20 9.97 11.56
C GLU C 90 19.89 8.61 11.42
N THR C 91 21.22 8.64 11.38
CA THR C 91 22.02 7.38 11.28
C THR C 91 21.90 6.52 12.54
N CYS C 92 21.92 7.14 13.73
CA CYS C 92 21.76 6.38 15.00
C CYS C 92 20.39 5.72 15.05
N LEU C 93 19.35 6.46 14.64
CA LEU C 93 17.97 5.93 14.72
C LEU C 93 17.76 4.90 13.60
N ASN C 94 18.30 5.17 12.40
CA ASN C 94 18.10 4.23 11.31
C ASN C 94 18.78 2.89 11.57
N GLU C 95 19.83 2.89 12.39
CA GLU C 95 20.60 1.66 12.61
C GLU C 95 19.75 0.60 13.29
N VAL C 96 19.21 0.92 14.47
CA VAL C 96 18.35 -0.05 15.15
C VAL C 96 17.03 -0.24 14.40
N ARG C 97 16.57 0.74 13.64
CA ARG C 97 15.39 0.52 12.82
C ARG C 97 15.66 -0.55 11.76
N ASP C 98 16.83 -0.50 11.12
CA ASP C 98 17.19 -1.51 10.14
C ASP C 98 17.27 -2.89 10.79
N GLU C 99 18.00 -2.99 11.91
CA GLU C 99 18.19 -4.28 12.56
C GLU C 99 16.86 -4.87 13.04
N ILE C 100 15.92 -4.02 13.46
CA ILE C 100 14.63 -4.52 13.92
C ILE C 100 13.78 -4.99 12.73
N PHE C 101 13.77 -4.21 11.64
CA PHE C 101 13.06 -4.65 10.44
C PHE C 101 13.62 -5.97 9.94
N ILE C 102 14.94 -6.10 9.91
CA ILE C 102 15.58 -7.32 9.41
C ILE C 102 15.19 -8.51 10.28
N SER C 103 15.10 -8.29 11.60
CA SER C 103 14.71 -9.37 12.49
C SER C 103 13.24 -9.75 12.31
N LEU C 104 12.41 -8.80 11.90
CA LEU C 104 10.98 -9.03 11.72
C LEU C 104 10.62 -9.51 10.32
N GLN C 105 11.42 -9.15 9.32
CA GLN C 105 11.09 -9.46 7.94
C GLN C 105 10.82 -10.93 7.66
N PRO C 106 11.57 -11.90 8.22
CA PRO C 106 11.21 -13.30 7.96
C PRO C 106 9.82 -13.68 8.45
N GLN C 107 9.44 -13.20 9.65
CA GLN C 107 8.13 -13.57 10.19
C GLN C 107 7.00 -12.86 9.46
N LEU C 108 7.20 -11.59 9.12
CA LEU C 108 6.16 -10.83 8.43
C LEU C 108 6.07 -11.17 6.95
N ARG C 109 7.14 -11.69 6.35
CA ARG C 109 7.18 -12.02 4.93
C ARG C 109 6.90 -10.80 4.06
N CYS C 110 7.34 -9.63 4.51
CA CYS C 110 7.12 -8.38 3.81
C CYS C 110 8.41 -7.91 3.15
N THR C 111 8.26 -7.18 2.05
CA THR C 111 9.37 -6.53 1.39
C THR C 111 9.51 -5.12 1.93
N LEU C 112 10.76 -4.68 2.13
CA LEU C 112 10.99 -3.31 2.55
C LEU C 112 10.38 -2.35 1.54
N GLY C 113 9.57 -1.41 2.02
CA GLY C 113 8.81 -0.53 1.16
C GLY C 113 7.34 -0.89 1.06
N ASP C 114 6.94 -2.07 1.53
CA ASP C 114 5.54 -2.44 1.56
C ASP C 114 4.87 -1.83 2.78
N MET C 115 3.57 -1.56 2.65
CA MET C 115 2.77 -1.20 3.81
C MET C 115 2.48 -2.44 4.64
N GLU C 116 2.47 -2.27 5.96
CA GLU C 116 2.32 -3.40 6.87
C GLU C 116 1.46 -2.95 8.05
N SER C 117 1.24 -3.86 9.00
CA SER C 117 0.33 -3.65 10.11
C SER C 117 1.08 -3.74 11.43
N PRO C 118 1.04 -2.71 12.28
CA PRO C 118 1.59 -2.86 13.63
C PRO C 118 0.83 -3.86 14.49
N VAL C 119 -0.43 -4.17 14.14
CA VAL C 119 -1.13 -5.24 14.83
C VAL C 119 -0.44 -6.58 14.58
N PHE C 120 0.16 -6.76 13.40
CA PHE C 120 0.90 -7.97 13.10
C PHE C 120 2.33 -7.89 13.63
N ALA C 121 2.93 -6.71 13.52
CA ALA C 121 4.37 -6.56 13.87
C ALA C 121 4.62 -6.52 15.38
N PHE C 122 3.79 -5.81 16.15
CA PHE C 122 4.08 -5.63 17.60
C PHE C 122 4.17 -6.97 18.35
N PRO C 123 3.23 -7.93 18.20
CA PRO C 123 3.38 -9.21 18.88
C PRO C 123 4.65 -9.94 18.43
N LEU C 124 4.98 -9.88 17.13
CA LEU C 124 6.15 -10.61 16.64
C LEU C 124 7.44 -10.01 17.20
N LEU C 125 7.51 -8.69 17.29
CA LEU C 125 8.70 -8.06 17.87
C LEU C 125 8.86 -8.42 19.33
N LEU C 126 7.74 -8.66 20.03
CA LEU C 126 7.81 -8.99 21.45
C LEU C 126 8.24 -10.45 21.68
N LYS C 127 7.78 -11.40 20.85
CA LYS C 127 8.29 -12.78 20.91
C LYS C 127 9.79 -12.87 20.84
N LEU C 128 10.44 -11.87 20.25
CA LEU C 128 11.87 -11.98 20.01
C LEU C 128 12.65 -12.18 21.31
N GLU C 129 12.14 -11.64 22.42
CA GLU C 129 12.78 -11.79 23.73
C GLU C 129 11.70 -12.07 24.76
N THR C 130 11.76 -13.26 25.37
CA THR C 130 10.71 -13.69 26.28
C THR C 130 10.63 -12.78 27.50
N HIS C 131 11.78 -12.37 28.05
CA HIS C 131 11.77 -11.51 29.22
C HIS C 131 11.09 -10.18 28.95
N ILE C 132 11.21 -9.66 27.73
CA ILE C 132 10.52 -8.43 27.37
C ILE C 132 9.04 -8.68 27.11
N GLU C 133 8.72 -9.78 26.41
CA GLU C 133 7.33 -10.10 26.13
C GLU C 133 6.54 -10.33 27.41
N LYS C 134 7.21 -10.75 28.49
CA LYS C 134 6.52 -10.93 29.76
C LYS C 134 5.90 -9.65 30.28
N LEU C 135 6.40 -8.49 29.87
CA LEU C 135 5.84 -7.22 30.31
C LEU C 135 4.48 -6.93 29.68
N PHE C 136 4.13 -7.61 28.59
CA PHE C 136 2.94 -7.29 27.82
C PHE C 136 1.87 -8.37 27.89
N LEU C 137 2.15 -9.52 28.50
CA LEU C 137 1.26 -10.68 28.44
C LEU C 137 0.22 -10.59 29.56
N TYR C 138 -1.05 -10.46 29.17
CA TYR C 138 -2.14 -10.46 30.12
C TYR C 138 -3.04 -11.67 29.85
N SER C 139 -3.77 -12.08 30.89
CA SER C 139 -4.69 -13.20 30.81
C SER C 139 -6.11 -12.70 30.98
N PHE C 140 -7.04 -13.39 30.31
CA PHE C 140 -8.44 -13.00 30.29
C PHE C 140 -9.25 -14.19 29.80
N SER C 141 -10.57 -14.03 29.82
CA SER C 141 -11.47 -15.03 29.27
C SER C 141 -12.49 -14.35 28.37
N TRP C 142 -12.67 -14.88 27.17
CA TRP C 142 -13.79 -14.48 26.32
C TRP C 142 -15.06 -15.11 26.87
N ASP C 143 -16.04 -14.27 27.17
CA ASP C 143 -17.26 -14.68 27.87
C ASP C 143 -18.46 -14.37 27.00
N PHE C 144 -19.30 -15.37 26.76
CA PHE C 144 -20.34 -15.27 25.75
C PHE C 144 -21.58 -16.04 26.18
N GLU C 145 -22.75 -15.49 25.87
CA GLU C 145 -24.01 -16.16 26.13
C GLU C 145 -25.04 -15.62 25.15
N CYS C 146 -25.46 -16.44 24.19
CA CYS C 146 -26.45 -16.00 23.21
C CYS C 146 -27.82 -15.86 23.88
N SER C 147 -28.55 -14.82 23.47
CA SER C 147 -29.88 -14.58 23.99
C SER C 147 -30.97 -15.26 23.17
N GLN C 148 -30.68 -15.62 21.91
CA GLN C 148 -31.67 -16.29 21.07
C GLN C 148 -31.67 -17.79 21.31
N CYS C 149 -30.49 -18.40 21.31
CA CYS C 149 -30.32 -19.79 21.70
C CYS C 149 -29.61 -19.84 23.06
N GLY C 150 -29.18 -21.03 23.46
CA GLY C 150 -28.53 -21.16 24.74
C GLY C 150 -27.03 -21.07 24.76
N HIS C 151 -26.41 -20.88 23.58
CA HIS C 151 -24.96 -21.00 23.43
C HIS C 151 -24.20 -20.14 24.43
N GLN C 152 -23.27 -20.77 25.14
CA GLN C 152 -22.46 -20.09 26.15
C GLN C 152 -21.05 -20.69 26.15
N TYR C 153 -20.08 -19.88 26.58
CA TYR C 153 -18.72 -20.39 26.79
C TYR C 153 -17.90 -19.37 27.56
N GLN C 154 -16.95 -19.89 28.33
CA GLN C 154 -15.80 -19.15 28.87
C GLN C 154 -14.53 -19.75 28.29
N ASN C 155 -13.76 -18.94 27.58
CA ASN C 155 -12.51 -19.39 26.98
C ASN C 155 -11.36 -18.52 27.47
N ARG C 156 -10.40 -19.13 28.16
CA ARG C 156 -9.27 -18.43 28.73
C ARG C 156 -8.14 -18.29 27.71
N HIS C 157 -7.51 -17.12 27.69
CA HIS C 157 -6.42 -16.85 26.75
C HIS C 157 -5.35 -16.00 27.42
N MET C 158 -4.17 -16.01 26.82
CA MET C 158 -3.05 -15.18 27.24
C MET C 158 -2.46 -14.52 26.01
N LYS C 159 -2.72 -13.23 25.83
CA LYS C 159 -2.29 -12.50 24.66
C LYS C 159 -1.48 -11.27 25.06
N SER C 160 -0.80 -10.70 24.06
CA SER C 160 -0.14 -9.42 24.21
C SER C 160 -0.86 -8.29 23.48
N LEU C 161 -1.76 -8.60 22.54
CA LEU C 161 -2.50 -7.58 21.80
C LEU C 161 -3.78 -8.22 21.27
N VAL C 162 -4.90 -7.92 21.92
CA VAL C 162 -6.21 -8.42 21.50
C VAL C 162 -6.88 -7.37 20.63
N THR C 163 -7.61 -7.83 19.63
CA THR C 163 -8.33 -6.95 18.70
C THR C 163 -9.80 -6.86 19.10
N PHE C 164 -10.32 -5.64 19.12
CA PHE C 164 -11.74 -5.38 19.37
C PHE C 164 -12.37 -4.80 18.12
N THR C 165 -13.57 -5.29 17.79
CA THR C 165 -14.36 -4.74 16.70
C THR C 165 -15.81 -4.63 17.14
N ASN C 166 -16.47 -3.54 16.73
CA ASN C 166 -17.88 -3.28 17.05
C ASN C 166 -18.12 -3.28 18.56
N VAL C 167 -17.36 -2.46 19.27
CA VAL C 167 -17.49 -2.40 20.72
C VAL C 167 -18.79 -1.73 21.11
N ILE C 168 -19.29 -2.06 22.30
CA ILE C 168 -20.52 -1.46 22.82
C ILE C 168 -20.25 0.02 23.10
N PRO C 169 -21.27 0.88 23.05
CA PRO C 169 -21.02 2.32 23.27
C PRO C 169 -20.37 2.63 24.61
N GLU C 170 -20.71 1.88 25.66
CA GLU C 170 -20.14 2.10 26.98
C GLU C 170 -18.90 1.26 27.24
N TRP C 171 -18.11 0.99 26.20
CA TRP C 171 -16.94 0.11 26.35
C TRP C 171 -15.97 0.69 27.37
N HIS C 172 -15.44 -0.19 28.21
CA HIS C 172 -14.48 0.13 29.26
C HIS C 172 -13.64 -1.11 29.51
N PRO C 173 -12.39 -0.96 29.93
CA PRO C 173 -11.57 -2.16 30.20
C PRO C 173 -12.19 -3.11 31.21
N LEU C 174 -13.01 -2.62 32.14
CA LEU C 174 -13.74 -3.48 33.06
C LEU C 174 -15.13 -3.85 32.54
N ASN C 175 -15.52 -3.32 31.40
CA ASN C 175 -16.76 -3.70 30.70
C ASN C 175 -16.44 -3.88 29.22
N ALA C 176 -15.43 -4.71 28.95
CA ALA C 176 -14.81 -4.81 27.62
C ALA C 176 -15.64 -5.73 26.74
N ALA C 177 -16.75 -5.21 26.25
CA ALA C 177 -17.71 -5.97 25.46
C ALA C 177 -17.84 -5.40 24.06
N HIS C 178 -18.33 -6.25 23.15
CA HIS C 178 -18.52 -5.87 21.76
C HIS C 178 -19.60 -6.75 21.16
N PHE C 179 -20.20 -6.27 20.08
CA PHE C 179 -21.23 -7.03 19.39
C PHE C 179 -20.59 -8.09 18.50
N GLY C 180 -21.23 -9.25 18.42
CA GLY C 180 -20.72 -10.34 17.63
C GLY C 180 -21.78 -11.37 17.31
N PRO C 181 -21.52 -12.20 16.31
CA PRO C 181 -22.48 -13.25 15.94
C PRO C 181 -22.35 -14.47 16.82
N CYS C 182 -23.41 -15.27 16.85
CA CYS C 182 -23.42 -16.53 17.58
C CYS C 182 -22.98 -17.65 16.65
N ASN C 183 -22.07 -18.49 17.13
CA ASN C 183 -21.54 -19.58 16.27
C ASN C 183 -22.52 -20.76 16.21
N ASN C 184 -23.49 -20.81 17.12
CA ASN C 184 -24.40 -21.99 17.19
C ASN C 184 -25.73 -21.71 16.47
N CYS C 185 -26.09 -20.44 16.26
CA CYS C 185 -27.37 -20.11 15.64
C CYS C 185 -27.16 -18.93 14.72
N ASN C 186 -28.23 -18.59 13.99
CA ASN C 186 -28.15 -17.55 12.96
C ASN C 186 -28.51 -16.18 13.53
N SER C 187 -27.88 -15.81 14.64
CA SER C 187 -28.15 -14.56 15.33
C SER C 187 -26.90 -13.69 15.37
N LYS C 188 -27.08 -12.41 15.09
CA LYS C 188 -26.04 -11.40 15.26
C LYS C 188 -26.41 -10.50 16.43
N SER C 189 -25.59 -9.48 16.65
CA SER C 189 -25.78 -8.49 17.72
C SER C 189 -25.76 -9.12 19.10
N GLN C 190 -25.16 -10.30 19.26
CA GLN C 190 -24.90 -10.84 20.58
C GLN C 190 -23.65 -10.18 21.16
N ILE C 191 -23.46 -10.36 22.47
CA ILE C 191 -22.40 -9.69 23.20
C ILE C 191 -21.32 -10.70 23.57
N ARG C 192 -20.08 -10.40 23.20
CA ARG C 192 -18.90 -11.11 23.70
C ARG C 192 -18.09 -10.14 24.55
N LYS C 193 -17.68 -10.59 25.73
CA LYS C 193 -17.03 -9.72 26.70
C LYS C 193 -15.71 -10.32 27.15
N MET C 194 -14.65 -9.51 27.09
CA MET C 194 -13.38 -9.89 27.68
C MET C 194 -13.40 -9.63 29.18
N VAL C 195 -13.08 -10.67 29.96
CA VAL C 195 -13.04 -10.57 31.42
C VAL C 195 -11.59 -10.73 31.84
N LEU C 196 -10.99 -9.63 32.29
CA LEU C 196 -9.57 -9.64 32.68
C LEU C 196 -9.35 -10.56 33.86
N GLU C 197 -8.19 -11.23 33.87
CA GLU C 197 -7.83 -12.13 34.95
C GLU C 197 -6.52 -11.74 35.61
N LYS C 198 -5.45 -11.61 34.83
CA LYS C 198 -4.20 -10.97 35.21
C LYS C 198 -3.86 -9.89 34.19
N VAL C 199 -3.51 -8.70 34.66
CA VAL C 199 -3.08 -7.63 33.79
C VAL C 199 -1.58 -7.44 34.00
N SER C 200 -0.85 -7.34 32.89
CA SER C 200 0.59 -7.16 32.92
C SER C 200 0.93 -5.68 33.16
N PRO C 201 2.19 -5.37 33.48
CA PRO C 201 2.57 -3.95 33.62
C PRO C 201 2.29 -3.11 32.40
N ILE C 202 2.29 -3.70 31.21
CA ILE C 202 1.87 -3.03 29.99
C ILE C 202 0.68 -3.80 29.41
N PHE C 203 -0.38 -3.06 29.09
CA PHE C 203 -1.64 -3.65 28.65
C PHE C 203 -2.07 -2.96 27.36
N MET C 204 -2.13 -3.71 26.26
CA MET C 204 -2.35 -3.14 24.95
C MET C 204 -3.56 -3.76 24.27
N LEU C 205 -4.32 -2.92 23.56
CA LEU C 205 -5.50 -3.36 22.83
C LEU C 205 -5.55 -2.65 21.48
N HIS C 206 -6.15 -3.34 20.50
CA HIS C 206 -6.34 -2.80 19.17
C HIS C 206 -7.83 -2.69 18.89
N PHE C 207 -8.24 -1.58 18.28
CA PHE C 207 -9.64 -1.31 17.99
C PHE C 207 -9.79 -1.06 16.50
N VAL C 208 -10.54 -1.94 15.83
CA VAL C 208 -10.68 -1.86 14.38
C VAL C 208 -11.32 -0.55 13.96
N GLU C 209 -12.27 -0.05 14.76
CA GLU C 209 -12.98 1.19 14.46
C GLU C 209 -12.72 2.27 15.50
N GLY C 210 -11.67 2.12 16.30
CA GLY C 210 -11.37 3.10 17.32
C GLY C 210 -12.26 2.97 18.54
N LEU C 211 -12.11 3.95 19.43
CA LEU C 211 -12.90 4.01 20.65
C LEU C 211 -14.17 4.81 20.44
N PRO C 212 -15.18 4.61 21.27
CA PRO C 212 -16.39 5.43 21.16
C PRO C 212 -16.14 6.92 21.36
N GLN C 213 -15.13 7.28 22.15
CA GLN C 213 -14.80 8.67 22.40
C GLN C 213 -13.32 8.78 22.73
N ASN C 214 -12.79 9.99 22.60
CA ASN C 214 -11.35 10.20 22.64
C ASN C 214 -10.86 10.91 23.92
N ASP C 215 -11.68 10.97 24.96
CA ASP C 215 -11.22 11.46 26.27
C ASP C 215 -10.69 10.27 27.04
N LEU C 216 -9.37 10.13 27.10
CA LEU C 216 -8.74 8.90 27.56
C LEU C 216 -8.81 8.74 29.07
N GLN C 217 -9.13 9.80 29.82
CA GLN C 217 -9.23 9.67 31.27
C GLN C 217 -10.35 8.74 31.67
N HIS C 218 -11.41 8.65 30.86
CA HIS C 218 -12.53 7.76 31.16
C HIS C 218 -12.14 6.29 31.03
N TYR C 219 -11.02 5.98 30.37
CA TYR C 219 -10.62 4.61 30.15
C TYR C 219 -9.53 4.14 31.11
N ALA C 220 -9.05 5.02 31.99
CA ALA C 220 -8.23 4.56 33.09
C ALA C 220 -9.04 3.64 33.99
N PHE C 221 -8.35 2.68 34.62
CA PHE C 221 -9.07 1.72 35.43
C PHE C 221 -8.15 1.15 36.50
N HIS C 222 -8.79 0.62 37.54
CA HIS C 222 -8.12 -0.09 38.62
C HIS C 222 -8.37 -1.59 38.48
N PHE C 223 -7.29 -2.38 38.55
CA PHE C 223 -7.39 -3.83 38.54
C PHE C 223 -6.46 -4.40 39.61
N GLU C 224 -7.05 -4.94 40.68
CA GLU C 224 -6.33 -5.72 41.68
C GLU C 224 -5.18 -4.92 42.31
N GLY C 225 -5.51 -3.72 42.77
CA GLY C 225 -4.58 -2.91 43.53
C GLY C 225 -3.71 -1.99 42.72
N CYS C 226 -3.74 -2.08 41.38
CA CYS C 226 -2.90 -1.27 40.52
C CYS C 226 -3.76 -0.43 39.60
N LEU C 227 -3.41 0.85 39.49
CA LEU C 227 -4.06 1.75 38.56
C LEU C 227 -3.39 1.66 37.19
N TYR C 228 -4.20 1.70 36.14
CA TYR C 228 -3.71 1.69 34.77
C TYR C 228 -4.24 2.92 34.05
N GLN C 229 -3.34 3.67 33.41
CA GLN C 229 -3.69 4.81 32.60
C GLN C 229 -3.15 4.62 31.19
N ILE C 230 -3.85 5.21 30.22
CA ILE C 230 -3.35 5.23 28.85
C ILE C 230 -2.17 6.17 28.78
N THR C 231 -0.99 5.64 28.41
CA THR C 231 0.21 6.44 28.27
C THR C 231 0.65 6.60 26.83
N SER C 232 0.04 5.86 25.90
CA SER C 232 0.46 5.89 24.50
C SER C 232 -0.70 5.44 23.63
N VAL C 233 -0.84 6.08 22.47
CA VAL C 233 -1.85 5.72 21.48
C VAL C 233 -1.20 5.74 20.11
N ILE C 234 -1.49 4.71 19.31
CA ILE C 234 -1.13 4.68 17.89
C ILE C 234 -2.36 5.08 17.10
N GLN C 235 -2.23 6.11 16.27
CA GLN C 235 -3.32 6.61 15.46
C GLN C 235 -3.19 6.07 14.04
N TYR C 236 -4.33 5.67 13.47
CA TYR C 236 -4.43 5.15 12.10
C TYR C 236 -5.10 6.24 11.26
N ARG C 237 -4.29 7.10 10.67
CA ARG C 237 -4.81 8.24 9.92
C ARG C 237 -5.17 7.84 8.49
N ALA C 238 -6.39 8.18 8.08
CA ALA C 238 -6.83 8.06 6.68
C ALA C 238 -6.64 6.64 6.13
N ASN C 239 -6.64 5.65 7.00
CA ASN C 239 -6.53 4.24 6.63
C ASN C 239 -5.23 3.91 5.89
N ASN C 240 -4.17 4.71 6.07
CA ASN C 240 -2.94 4.42 5.36
C ASN C 240 -1.68 4.92 6.07
N HIS C 241 -1.77 5.41 7.31
CA HIS C 241 -0.60 5.98 7.97
C HIS C 241 -0.76 5.84 9.48
N PHE C 242 0.35 5.62 10.16
CA PHE C 242 0.36 5.41 11.60
C PHE C 242 1.17 6.50 12.29
N ILE C 243 0.62 7.00 13.40
CA ILE C 243 1.26 8.03 14.21
C ILE C 243 1.09 7.66 15.68
N THR C 244 2.16 7.84 16.45
CA THR C 244 2.16 7.54 17.88
C THR C 244 2.05 8.81 18.71
N TRP C 245 1.18 8.75 19.72
CA TRP C 245 0.98 9.82 20.67
C TRP C 245 1.47 9.38 22.04
N ILE C 246 2.27 10.22 22.70
CA ILE C 246 2.92 9.90 23.95
C ILE C 246 2.39 10.85 25.03
N LEU C 247 2.01 10.29 26.17
CA LEU C 247 1.59 11.09 27.32
C LEU C 247 2.83 11.57 28.07
N ASP C 248 2.97 12.87 28.25
CA ASP C 248 4.11 13.43 28.93
C ASP C 248 3.84 13.55 30.44
N ALA C 249 4.91 13.83 31.18
CA ALA C 249 4.82 13.87 32.64
C ALA C 249 3.95 15.02 33.12
N ASP C 250 3.86 16.10 32.36
CA ASP C 250 3.05 17.25 32.74
C ASP C 250 1.60 17.14 32.29
N GLY C 251 1.21 16.02 31.69
CA GLY C 251 -0.14 15.85 31.18
C GLY C 251 -0.32 16.23 29.73
N SER C 252 0.62 16.97 29.15
CA SER C 252 0.55 17.27 27.73
C SER C 252 0.86 16.00 26.91
N TRP C 253 0.64 16.10 25.61
CA TRP C 253 0.82 14.96 24.72
C TRP C 253 1.83 15.28 23.64
N LEU C 254 2.61 14.27 23.25
CA LEU C 254 3.62 14.39 22.21
C LEU C 254 3.19 13.54 21.02
N GLU C 255 3.19 14.16 19.83
CA GLU C 255 2.79 13.48 18.60
C GLU C 255 4.04 13.08 17.83
N CYS C 256 4.16 11.79 17.52
CA CYS C 256 5.32 11.24 16.82
C CYS C 256 4.87 10.82 15.42
N ASP C 257 4.89 11.78 14.49
CA ASP C 257 4.55 11.55 13.09
C ASP C 257 5.85 11.60 12.29
N ASP C 258 6.24 10.46 11.71
CA ASP C 258 7.51 10.40 10.99
C ASP C 258 7.53 11.30 9.77
N LEU C 259 6.37 11.77 9.31
CA LEU C 259 6.28 12.73 8.22
C LEU C 259 6.50 14.17 8.67
N LYS C 260 6.99 14.38 9.90
CA LYS C 260 7.13 15.71 10.48
C LYS C 260 8.54 15.91 11.03
N GLY C 261 9.54 15.57 10.23
CA GLY C 261 10.92 15.84 10.57
C GLY C 261 11.45 14.95 11.67
N PRO C 262 12.50 15.40 12.36
CA PRO C 262 13.14 14.58 13.39
C PRO C 262 12.64 14.85 14.81
N CYS C 263 11.95 15.96 15.04
CA CYS C 263 11.44 16.30 16.35
C CYS C 263 9.95 16.01 16.45
N SER C 264 9.50 15.72 17.67
CA SER C 264 8.10 15.48 17.94
C SER C 264 7.37 16.80 18.18
N GLU C 265 6.05 16.72 18.44
CA GLU C 265 5.24 17.92 18.56
C GLU C 265 4.43 17.92 19.85
N ARG C 266 4.50 19.04 20.56
CA ARG C 266 3.73 19.32 21.76
C ARG C 266 2.29 19.69 21.47
N HIS C 267 1.36 18.94 22.08
CA HIS C 267 -0.05 19.27 22.10
C HIS C 267 -0.52 19.34 23.55
N LYS C 268 -1.32 20.36 23.86
CA LYS C 268 -1.83 20.50 25.22
C LYS C 268 -2.77 19.36 25.58
N LYS C 269 -3.59 18.92 24.64
CA LYS C 269 -4.56 17.86 24.87
C LYS C 269 -4.45 16.80 23.79
N PHE C 270 -5.08 15.66 24.04
CA PHE C 270 -5.12 14.56 23.08
C PHE C 270 -6.15 14.88 22.01
N GLU C 271 -5.71 14.91 20.75
CA GLU C 271 -6.51 15.45 19.66
C GLU C 271 -7.00 14.40 18.67
N VAL C 272 -6.56 13.15 18.80
CA VAL C 272 -6.89 12.14 17.77
C VAL C 272 -8.40 11.92 17.72
N PRO C 273 -9.03 11.95 16.55
CA PRO C 273 -10.43 11.55 16.47
C PRO C 273 -10.62 10.12 16.92
N ALA C 274 -11.77 9.87 17.58
CA ALA C 274 -11.98 8.58 18.24
C ALA C 274 -11.95 7.41 17.26
N SER C 275 -12.36 7.62 16.02
CA SER C 275 -12.37 6.55 15.04
C SER C 275 -10.98 6.18 14.54
N GLU C 276 -9.97 7.02 14.79
CA GLU C 276 -8.61 6.77 14.35
C GLU C 276 -7.72 6.24 15.46
N ILE C 277 -8.28 5.91 16.62
CA ILE C 277 -7.54 5.35 17.74
C ILE C 277 -7.33 3.87 17.44
N HIS C 278 -6.10 3.49 17.06
CA HIS C 278 -5.83 2.16 16.53
C HIS C 278 -5.34 1.20 17.61
N ILE C 279 -4.26 1.55 18.31
CA ILE C 279 -3.72 0.73 19.38
C ILE C 279 -3.58 1.60 20.63
N VAL C 280 -4.15 1.13 21.74
CA VAL C 280 -4.13 1.85 23.00
C VAL C 280 -3.20 1.09 23.96
N ILE C 281 -2.30 1.82 24.61
CA ILE C 281 -1.32 1.23 25.51
C ILE C 281 -1.58 1.76 26.91
N TRP C 282 -2.03 0.87 27.80
CA TRP C 282 -2.15 1.18 29.22
C TRP C 282 -0.86 0.78 29.94
N GLU C 283 -0.50 1.57 30.95
CA GLU C 283 0.68 1.23 31.78
C GLU C 283 0.32 1.52 33.24
N ARG C 284 0.97 0.84 34.17
CA ARG C 284 0.71 1.05 35.62
C ARG C 284 1.07 2.49 35.98
N LYS C 285 0.22 3.17 36.73
CA LYS C 285 0.51 4.56 37.16
C LYS C 285 1.36 4.52 38.43
N HIS D 15 -7.14 -35.25 4.51
CA HIS D 15 -7.96 -34.04 4.77
C HIS D 15 -7.76 -33.57 6.21
N ILE D 16 -7.33 -32.32 6.42
CA ILE D 16 -7.23 -31.77 7.80
C ILE D 16 -8.35 -30.75 8.01
N ASN D 17 -8.82 -30.62 9.25
CA ASN D 17 -9.89 -29.68 9.56
C ASN D 17 -9.29 -28.44 10.20
N LEU D 18 -9.67 -27.27 9.71
CA LEU D 18 -9.12 -26.01 10.17
C LEU D 18 -10.23 -25.08 10.64
N LYS D 19 -9.93 -24.31 11.67
CA LYS D 19 -10.83 -23.31 12.20
C LYS D 19 -10.38 -21.93 11.76
N VAL D 20 -11.33 -21.11 11.33
CA VAL D 20 -11.07 -19.77 10.84
C VAL D 20 -11.78 -18.80 11.77
N ALA D 21 -10.99 -18.10 12.59
CA ALA D 21 -11.51 -17.31 13.70
C ALA D 21 -11.43 -15.82 13.35
N GLY D 22 -12.58 -15.19 13.21
CA GLY D 22 -12.63 -13.75 13.03
C GLY D 22 -12.53 -13.02 14.35
N GLN D 23 -12.29 -11.71 14.25
CA GLN D 23 -12.11 -10.90 15.45
C GLN D 23 -13.42 -10.60 16.18
N ASP D 24 -14.56 -10.94 15.59
CA ASP D 24 -15.85 -10.77 16.25
C ASP D 24 -16.31 -12.02 16.98
N GLY D 25 -15.44 -13.02 17.15
CA GLY D 25 -15.80 -14.25 17.79
C GLY D 25 -16.34 -15.32 16.87
N SER D 26 -16.52 -15.03 15.60
CA SER D 26 -17.03 -16.02 14.66
C SER D 26 -15.96 -17.07 14.38
N VAL D 27 -16.41 -18.33 14.26
CA VAL D 27 -15.53 -19.46 13.99
C VAL D 27 -16.17 -20.29 12.89
N VAL D 28 -15.45 -20.50 11.79
CA VAL D 28 -15.92 -21.30 10.66
C VAL D 28 -15.00 -22.50 10.50
N GLN D 29 -15.59 -23.66 10.26
CA GLN D 29 -14.85 -24.90 10.09
C GLN D 29 -14.64 -25.18 8.59
N PHE D 30 -13.48 -25.73 8.27
CA PHE D 30 -13.13 -26.03 6.89
C PHE D 30 -12.38 -27.35 6.82
N LYS D 31 -12.71 -28.16 5.82
CA LYS D 31 -11.95 -29.35 5.48
C LYS D 31 -11.06 -29.01 4.27
N ILE D 32 -9.78 -29.31 4.39
CA ILE D 32 -8.79 -29.01 3.35
C ILE D 32 -7.76 -30.12 3.30
N LYS D 33 -7.30 -30.43 2.09
CA LYS D 33 -6.15 -31.32 1.93
C LYS D 33 -4.86 -30.57 2.26
N ARG D 34 -3.87 -31.31 2.73
CA ARG D 34 -2.65 -30.69 3.22
C ARG D 34 -1.86 -29.96 2.14
N HIS D 35 -2.11 -30.25 0.87
CA HIS D 35 -1.36 -29.65 -0.22
C HIS D 35 -2.22 -28.76 -1.12
N THR D 36 -3.47 -28.51 -0.76
CA THR D 36 -4.28 -27.57 -1.50
C THR D 36 -3.88 -26.15 -1.14
N PRO D 37 -3.66 -25.27 -2.11
CA PRO D 37 -3.38 -23.86 -1.78
C PRO D 37 -4.54 -23.26 -1.01
N LEU D 38 -4.20 -22.45 0.01
CA LEU D 38 -5.22 -21.92 0.91
C LEU D 38 -6.12 -20.87 0.25
N SER D 39 -5.88 -20.53 -1.02
CA SER D 39 -6.76 -19.60 -1.70
C SER D 39 -8.18 -20.13 -1.82
N LYS D 40 -8.33 -21.45 -1.96
CA LYS D 40 -9.66 -22.05 -1.97
C LYS D 40 -10.37 -21.84 -0.64
N LEU D 41 -9.65 -22.05 0.47
CA LEU D 41 -10.22 -21.80 1.79
C LEU D 41 -10.54 -20.32 1.98
N MET D 42 -9.60 -19.45 1.60
CA MET D 42 -9.79 -18.02 1.79
C MET D 42 -10.97 -17.51 0.98
N LYS D 43 -11.02 -17.88 -0.30
CA LYS D 43 -12.13 -17.45 -1.15
C LYS D 43 -13.46 -18.01 -0.63
N ALA D 44 -13.44 -19.24 -0.13
CA ALA D 44 -14.65 -19.81 0.45
C ALA D 44 -15.08 -19.05 1.69
N TYR D 45 -14.14 -18.64 2.54
CA TYR D 45 -14.48 -17.86 3.72
C TYR D 45 -15.05 -16.51 3.34
N CYS D 46 -14.45 -15.85 2.36
CA CYS D 46 -14.94 -14.53 1.93
C CYS D 46 -16.35 -14.63 1.36
N GLU D 47 -16.64 -15.73 0.65
CA GLU D 47 -17.98 -15.92 0.10
C GLU D 47 -19.01 -16.14 1.20
N ARG D 48 -18.66 -16.96 2.20
CA ARG D 48 -19.62 -17.30 3.24
C ARG D 48 -19.92 -16.11 4.15
N GLN D 49 -18.94 -15.26 4.41
CA GLN D 49 -19.11 -14.12 5.31
C GLN D 49 -19.44 -12.83 4.58
N GLY D 50 -19.52 -12.84 3.25
CA GLY D 50 -19.77 -11.63 2.50
C GLY D 50 -18.66 -10.61 2.61
N LEU D 51 -17.41 -11.05 2.56
CA LEU D 51 -16.25 -10.19 2.71
C LEU D 51 -15.52 -10.05 1.37
N SER D 52 -14.41 -9.32 1.41
CA SER D 52 -13.63 -9.03 0.22
C SER D 52 -12.20 -9.52 0.43
N MET D 53 -11.66 -10.23 -0.56
CA MET D 53 -10.30 -10.73 -0.44
C MET D 53 -9.29 -9.59 -0.34
N ARG D 54 -9.56 -8.46 -0.98
CA ARG D 54 -8.68 -7.30 -0.91
C ARG D 54 -8.81 -6.56 0.41
N GLN D 55 -9.83 -6.88 1.19
CA GLN D 55 -10.21 -6.18 2.40
C GLN D 55 -9.95 -7.01 3.64
N ILE D 56 -9.21 -8.12 3.49
CA ILE D 56 -9.06 -9.14 4.52
C ILE D 56 -7.64 -9.71 4.47
N ARG D 57 -7.04 -9.93 5.64
CA ARG D 57 -5.75 -10.61 5.78
C ARG D 57 -5.92 -11.83 6.67
N PHE D 58 -5.22 -12.91 6.32
CA PHE D 58 -5.24 -14.15 7.09
C PHE D 58 -3.91 -14.32 7.80
N ARG D 59 -3.94 -15.00 8.95
CA ARG D 59 -2.76 -15.13 9.78
C ARG D 59 -2.76 -16.49 10.46
N PHE D 60 -1.56 -17.09 10.58
CA PHE D 60 -1.40 -18.36 11.28
C PHE D 60 -0.09 -18.31 12.07
N ASP D 61 -0.18 -18.65 13.36
CA ASP D 61 0.97 -18.64 14.26
C ASP D 61 1.67 -17.27 14.25
N GLY D 62 0.86 -16.21 14.13
CA GLY D 62 1.37 -14.86 14.09
C GLY D 62 1.90 -14.41 12.75
N GLN D 63 1.95 -15.28 11.74
CA GLN D 63 2.50 -14.91 10.45
C GLN D 63 1.39 -14.78 9.41
N PRO D 64 1.43 -13.74 8.58
CA PRO D 64 0.43 -13.60 7.52
C PRO D 64 0.57 -14.69 6.48
N ILE D 65 -0.56 -15.08 5.89
CA ILE D 65 -0.63 -16.23 5.00
C ILE D 65 -0.94 -15.74 3.59
N ASN D 66 -0.30 -16.37 2.61
CA ASN D 66 -0.52 -16.06 1.21
C ASN D 66 -1.49 -17.06 0.58
N GLU D 67 -2.08 -16.67 -0.54
CA GLU D 67 -3.05 -17.57 -1.24
C GLU D 67 -2.33 -18.82 -1.73
N THR D 68 -1.04 -18.71 -2.07
CA THR D 68 -0.32 -19.85 -2.60
C THR D 68 0.18 -20.80 -1.52
N ASP D 69 0.13 -20.40 -0.25
CA ASP D 69 0.53 -21.28 0.83
C ASP D 69 -0.40 -22.48 0.92
N THR D 70 0.17 -23.64 1.26
CA THR D 70 -0.60 -24.83 1.59
C THR D 70 -0.37 -25.18 3.06
N PRO D 71 -1.31 -25.90 3.68
CA PRO D 71 -1.11 -26.28 5.09
C PRO D 71 0.19 -27.03 5.34
N ALA D 72 0.67 -27.81 4.38
CA ALA D 72 1.92 -28.54 4.57
C ALA D 72 3.11 -27.60 4.69
N GLN D 73 3.14 -26.53 3.87
CA GLN D 73 4.24 -25.58 3.94
C GLN D 73 4.23 -24.82 5.26
N LEU D 74 3.05 -24.65 5.85
CA LEU D 74 2.85 -23.90 7.07
C LEU D 74 2.86 -24.76 8.32
N GLU D 75 3.00 -26.09 8.16
CA GLU D 75 3.01 -27.04 9.26
C GLU D 75 1.74 -26.94 10.10
N MET D 76 0.60 -26.92 9.42
CA MET D 76 -0.71 -26.85 10.13
C MET D 76 -1.14 -28.24 10.59
N GLU D 77 -2.10 -28.30 11.52
CA GLU D 77 -2.54 -29.59 12.12
C GLU D 77 -4.06 -29.61 12.24
N ASP D 78 -4.66 -30.79 12.44
CA ASP D 78 -6.14 -30.94 12.45
C ASP D 78 -6.81 -30.02 13.49
N GLU D 79 -6.08 -29.47 14.46
CA GLU D 79 -6.78 -28.64 15.43
C GLU D 79 -6.34 -27.18 15.37
N ASP D 80 -5.68 -26.78 14.28
CA ASP D 80 -5.09 -25.46 14.21
C ASP D 80 -6.12 -24.41 13.82
N THR D 81 -5.84 -23.17 14.21
CA THR D 81 -6.73 -22.04 13.98
C THR D 81 -6.02 -21.01 13.11
N ILE D 82 -6.77 -20.42 12.18
CA ILE D 82 -6.30 -19.31 11.37
C ILE D 82 -7.06 -18.06 11.80
N ASP D 83 -6.32 -17.00 12.15
CA ASP D 83 -6.92 -15.72 12.48
C ASP D 83 -7.16 -14.91 11.22
N VAL D 84 -8.29 -14.22 11.19
CA VAL D 84 -8.66 -13.35 10.08
C VAL D 84 -8.80 -11.94 10.60
N PHE D 85 -8.17 -10.99 9.93
CA PHE D 85 -8.20 -9.58 10.30
C PHE D 85 -8.70 -8.76 9.13
N GLN D 86 -9.48 -7.72 9.44
CA GLN D 86 -9.72 -6.68 8.46
C GLN D 86 -8.39 -6.03 8.10
N GLN D 87 -8.12 -5.90 6.80
CA GLN D 87 -6.84 -5.37 6.36
C GLN D 87 -6.72 -3.90 6.79
N GLN D 88 -5.72 -3.61 7.63
CA GLN D 88 -5.44 -2.25 8.11
C GLN D 88 -3.93 -2.06 8.07
N THR D 89 -3.39 -1.83 6.88
CA THR D 89 -1.97 -1.56 6.69
C THR D 89 -1.75 -0.09 6.40
N GLY D 90 -0.50 0.33 6.51
CA GLY D 90 -0.12 1.70 6.23
C GLY D 90 1.38 1.89 6.23
#